data_3OMW
#
_entry.id   3OMW
#
_cell.length_a   158.100
_cell.length_b   101.929
_cell.length_c   65.645
_cell.angle_alpha   90.00
_cell.angle_beta   90.00
_cell.angle_gamma   90.00
#
_symmetry.space_group_name_H-M   'P 21 21 2'
#
loop_
_entity.id
_entity.type
_entity.pdbx_description
1 polymer CG14216
2 water water
#
_entity_poly.entity_id   1
_entity_poly.type   'polypeptide(L)'
_entity_poly.pdbx_seq_one_letter_code
;KLAVAVVCSSNMNRSMEAHNFLAKKGFNVRSYGTGERVKLPGMAFDKPNVYEFGTKYEDIYRDLESKDKEFYTQNGLLHM
LDRNRRIKKCPERFQDTKEQFDIIVTVEERVYDLVVMHMESMESVDNRPVHVLNVDVVDNAEDALMGAFVITDMINMMAK
STDLDNDIDELIQEFEERRKRVILHSVLFY
;
_entity_poly.pdbx_strand_id   A,B,C,D
#
# COMPACT_ATOMS: atom_id res chain seq x y z
N LYS A 1 15.03 6.56 14.16
CA LYS A 1 14.93 5.32 13.41
C LYS A 1 14.13 4.26 14.18
N LEU A 2 13.53 3.35 13.43
CA LEU A 2 12.75 2.28 14.03
C LEU A 2 13.44 0.96 13.77
N ALA A 3 13.40 0.06 14.74
CA ALA A 3 14.06 -1.22 14.61
C ALA A 3 13.14 -2.19 13.89
N VAL A 4 13.60 -2.69 12.74
CA VAL A 4 12.83 -3.58 11.91
C VAL A 4 13.42 -4.98 11.93
N ALA A 5 12.58 -5.99 12.14
CA ALA A 5 13.02 -7.38 12.03
C ALA A 5 12.28 -8.10 10.90
N VAL A 6 13.02 -8.85 10.08
CA VAL A 6 12.40 -9.67 9.05
C VAL A 6 12.61 -11.15 9.35
N VAL A 7 11.54 -11.92 9.39
CA VAL A 7 11.63 -13.33 9.78
C VAL A 7 11.09 -14.29 8.72
N CYS A 8 11.84 -15.35 8.43
CA CYS A 8 11.31 -16.46 7.67
C CYS A 8 11.57 -17.78 8.40
N SER A 9 11.79 -18.85 7.66
CA SER A 9 12.01 -20.12 8.32
C SER A 9 13.49 -20.43 8.58
N SER A 10 14.31 -20.33 7.52
CA SER A 10 15.72 -20.70 7.63
C SER A 10 16.68 -19.52 7.79
N ASN A 11 16.18 -18.29 7.77
CA ASN A 11 17.03 -17.12 7.78
C ASN A 11 18.09 -17.20 6.68
N MET A 12 17.75 -17.81 5.55
CA MET A 12 18.71 -18.02 4.48
C MET A 12 18.38 -17.26 3.22
N ASN A 13 17.11 -17.28 2.83
CA ASN A 13 16.71 -16.62 1.60
C ASN A 13 15.76 -15.44 1.80
N ARG A 14 14.46 -15.70 1.89
CA ARG A 14 13.51 -14.59 1.94
C ARG A 14 13.92 -13.45 2.88
N SER A 15 14.19 -13.77 4.14
CA SER A 15 14.50 -12.75 5.14
C SER A 15 15.79 -11.99 4.87
N MET A 16 16.78 -12.68 4.31
CA MET A 16 18.08 -12.08 4.00
C MET A 16 18.02 -11.13 2.79
N GLU A 17 17.15 -11.43 1.83
CA GLU A 17 16.96 -10.56 0.68
C GLU A 17 16.27 -9.28 1.14
N ALA A 18 15.43 -9.42 2.16
CA ALA A 18 14.78 -8.26 2.73
C ALA A 18 15.71 -7.52 3.69
N HIS A 19 16.56 -8.28 4.38
CA HIS A 19 17.58 -7.73 5.26
C HIS A 19 18.53 -6.89 4.43
N ASN A 20 19.16 -7.52 3.46
CA ASN A 20 20.07 -6.86 2.52
C ASN A 20 19.46 -5.61 1.92
N PHE A 21 18.18 -5.67 1.60
CA PHE A 21 17.50 -4.61 0.90
C PHE A 21 17.18 -3.43 1.84
N LEU A 22 16.66 -3.73 3.02
CA LEU A 22 16.32 -2.68 3.98
C LEU A 22 17.59 -1.94 4.38
N ALA A 23 18.65 -2.71 4.61
CA ALA A 23 19.90 -2.14 5.10
C ALA A 23 20.44 -1.16 4.08
N LYS A 24 20.42 -1.56 2.82
CA LYS A 24 20.99 -0.72 1.78
C LYS A 24 20.14 0.53 1.53
N LYS A 25 19.04 0.66 2.26
CA LYS A 25 18.29 1.91 2.25
C LYS A 25 18.50 2.66 3.57
N GLY A 26 19.51 2.24 4.32
CA GLY A 26 19.84 2.82 5.61
C GLY A 26 18.75 2.61 6.65
N PHE A 27 18.31 1.36 6.82
CA PHE A 27 17.33 1.00 7.83
C PHE A 27 17.93 0.13 8.93
N ASN A 28 17.37 0.21 10.13
CA ASN A 28 17.91 -0.51 11.29
C ASN A 28 17.38 -1.92 11.32
N VAL A 29 17.89 -2.78 10.44
CA VAL A 29 17.26 -4.07 10.18
C VAL A 29 18.06 -5.27 10.66
N ARG A 30 17.35 -6.23 11.26
CA ARG A 30 17.92 -7.53 11.59
C ARG A 30 17.02 -8.63 11.03
N SER A 31 17.54 -9.85 10.93
CA SER A 31 16.80 -10.95 10.29
C SER A 31 16.99 -12.27 11.02
N TYR A 32 15.93 -13.05 11.15
CA TYR A 32 15.97 -14.33 11.85
C TYR A 32 15.20 -15.40 11.10
N GLY A 33 15.22 -16.61 11.64
CA GLY A 33 14.41 -17.71 11.13
C GLY A 33 13.56 -18.23 12.27
N THR A 34 12.53 -19.01 11.99
CA THR A 34 11.70 -19.56 13.07
C THR A 34 11.79 -21.08 13.20
N GLY A 35 12.50 -21.72 12.28
CA GLY A 35 12.64 -23.16 12.31
C GLY A 35 13.35 -23.68 13.55
N GLU A 36 13.49 -25.00 13.64
CA GLU A 36 14.27 -25.62 14.71
C GLU A 36 15.74 -25.55 14.33
N ARG A 37 15.99 -25.72 13.03
CA ARG A 37 17.33 -25.71 12.46
C ARG A 37 17.26 -25.13 11.07
N VAL A 38 18.38 -25.08 10.38
CA VAL A 38 18.46 -24.47 9.06
C VAL A 38 18.42 -25.55 7.99
N LYS A 39 17.27 -25.80 7.38
CA LYS A 39 17.22 -26.88 6.42
C LYS A 39 17.41 -26.39 4.98
N LEU A 40 18.38 -26.98 4.29
CA LEU A 40 18.67 -26.60 2.91
C LEU A 40 18.41 -27.75 1.94
N PRO A 41 17.86 -27.42 0.77
CA PRO A 41 17.45 -28.41 -0.22
C PRO A 41 18.64 -29.19 -0.76
N GLY A 42 18.39 -30.45 -1.11
CA GLY A 42 19.36 -31.26 -1.82
C GLY A 42 18.69 -32.43 -2.51
N MET A 43 18.55 -32.35 -3.84
CA MET A 43 17.96 -33.43 -4.63
C MET A 43 16.62 -33.88 -4.03
N ALA A 44 15.53 -33.49 -4.69
CA ALA A 44 14.20 -33.42 -4.07
C ALA A 44 13.59 -34.70 -3.49
N PHE A 45 14.25 -35.84 -3.64
CA PHE A 45 13.83 -37.05 -2.94
C PHE A 45 14.90 -37.48 -1.95
N ASP A 46 15.49 -36.50 -1.27
CA ASP A 46 16.57 -36.77 -0.33
C ASP A 46 16.35 -36.06 0.99
N LYS A 47 17.08 -36.48 2.02
CA LYS A 47 17.12 -35.72 3.26
C LYS A 47 17.94 -34.46 3.03
N PRO A 48 17.36 -33.31 3.37
CA PRO A 48 17.97 -31.99 3.19
C PRO A 48 19.20 -31.84 4.09
N ASN A 49 20.02 -30.83 3.80
CA ASN A 49 21.16 -30.53 4.65
C ASN A 49 20.67 -29.73 5.82
N VAL A 50 21.19 -30.02 7.00
CA VAL A 50 20.71 -29.39 8.22
C VAL A 50 21.87 -28.85 9.06
N TYR A 51 21.67 -27.68 9.62
CA TYR A 51 22.69 -27.05 10.43
C TYR A 51 22.01 -26.36 11.61
N GLU A 52 22.64 -26.40 12.77
CA GLU A 52 22.11 -25.69 13.92
C GLU A 52 22.18 -24.20 13.65
N PHE A 53 21.19 -23.44 14.11
CA PHE A 53 21.31 -22.00 14.04
C PHE A 53 22.61 -21.62 14.76
N GLY A 54 23.28 -20.59 14.28
CA GLY A 54 24.55 -20.18 14.85
C GLY A 54 25.72 -20.66 14.01
N THR A 55 25.45 -21.59 13.11
CA THR A 55 26.47 -22.04 12.19
C THR A 55 26.81 -20.97 11.16
N LYS A 56 28.08 -20.60 11.07
CA LYS A 56 28.55 -19.70 10.02
C LYS A 56 27.97 -20.05 8.64
N TYR A 57 27.54 -19.03 7.91
CA TYR A 57 27.13 -19.21 6.52
C TYR A 57 28.29 -19.78 5.73
N GLU A 58 29.48 -19.32 6.06
CA GLU A 58 30.67 -19.66 5.30
C GLU A 58 30.99 -21.13 5.39
N ASP A 59 30.79 -21.70 6.58
CA ASP A 59 31.00 -23.12 6.79
C ASP A 59 29.97 -23.95 6.04
N ILE A 60 28.69 -23.59 6.18
CA ILE A 60 27.62 -24.23 5.42
C ILE A 60 27.98 -24.21 3.93
N TYR A 61 28.42 -23.04 3.46
CA TYR A 61 28.86 -22.89 2.09
C TYR A 61 29.89 -23.98 1.76
N ARG A 62 30.88 -24.12 2.63
CA ARG A 62 31.95 -25.09 2.44
C ARG A 62 31.39 -26.49 2.44
N ASP A 63 30.58 -26.80 3.46
CA ASP A 63 29.93 -28.10 3.57
C ASP A 63 29.21 -28.47 2.27
N LEU A 64 28.65 -27.47 1.59
CA LEU A 64 27.98 -27.70 0.31
C LEU A 64 28.95 -27.77 -0.87
N GLU A 65 30.00 -26.95 -0.81
CA GLU A 65 31.03 -26.98 -1.85
C GLU A 65 31.61 -28.39 -1.96
N SER A 66 32.07 -28.93 -0.83
CA SER A 66 32.64 -30.28 -0.82
C SER A 66 31.61 -31.31 -1.29
N LYS A 67 30.40 -31.24 -0.75
CA LYS A 67 29.35 -32.22 -1.06
C LYS A 67 29.04 -32.33 -2.56
N ASP A 68 28.89 -31.20 -3.23
CA ASP A 68 28.72 -31.20 -4.69
C ASP A 68 28.75 -29.80 -5.27
N LYS A 69 29.95 -29.31 -5.56
CA LYS A 69 30.11 -27.95 -6.07
C LYS A 69 29.14 -27.64 -7.21
N GLU A 70 29.13 -28.48 -8.23
CA GLU A 70 28.30 -28.23 -9.40
C GLU A 70 26.81 -28.16 -9.05
N PHE A 71 26.35 -29.11 -8.25
CA PHE A 71 24.93 -29.19 -7.94
C PHE A 71 24.43 -27.99 -7.15
N TYR A 72 25.28 -27.46 -6.27
CA TYR A 72 24.84 -26.41 -5.36
C TYR A 72 25.06 -24.99 -5.86
N THR A 73 25.93 -24.81 -6.84
CA THR A 73 25.95 -23.53 -7.54
C THR A 73 24.75 -23.53 -8.48
N GLN A 74 24.44 -24.70 -9.02
CA GLN A 74 23.34 -24.90 -9.95
C GLN A 74 22.03 -24.31 -9.45
N ASN A 75 21.68 -24.65 -8.21
CA ASN A 75 20.47 -24.15 -7.57
C ASN A 75 20.74 -22.86 -6.78
N GLY A 76 21.83 -22.20 -7.11
CA GLY A 76 22.15 -20.91 -6.53
C GLY A 76 22.27 -20.86 -5.02
N LEU A 77 22.38 -22.02 -4.38
CA LEU A 77 22.58 -22.05 -2.94
C LEU A 77 23.98 -21.57 -2.57
N LEU A 78 24.96 -21.84 -3.43
CA LEU A 78 26.30 -21.35 -3.16
C LEU A 78 26.38 -19.84 -3.27
N HIS A 79 25.68 -19.26 -4.24
CA HIS A 79 25.69 -17.81 -4.33
C HIS A 79 24.92 -17.17 -3.19
N MET A 80 23.81 -17.78 -2.83
CA MET A 80 22.95 -17.23 -1.79
C MET A 80 23.67 -17.24 -0.45
N LEU A 81 24.51 -18.25 -0.24
CA LEU A 81 25.33 -18.29 0.96
C LEU A 81 26.45 -17.27 0.88
N ASP A 82 27.02 -17.13 -0.32
CA ASP A 82 28.08 -16.16 -0.59
C ASP A 82 27.59 -14.76 -0.26
N ARG A 83 26.31 -14.53 -0.49
CA ARG A 83 25.72 -13.23 -0.32
C ARG A 83 25.45 -12.96 1.15
N ASN A 84 25.04 -14.01 1.86
CA ASN A 84 24.71 -13.88 3.28
C ASN A 84 25.96 -13.69 4.13
N ARG A 85 27.00 -14.44 3.79
CA ARG A 85 28.31 -14.34 4.39
C ARG A 85 28.72 -12.90 4.68
N ARG A 86 28.38 -12.01 3.76
CA ARG A 86 28.82 -10.62 3.79
C ARG A 86 27.96 -9.72 4.67
N ILE A 87 26.81 -10.22 5.14
CA ILE A 87 25.87 -9.38 5.88
C ILE A 87 25.99 -9.57 7.39
N LYS A 88 26.07 -10.82 7.82
CA LYS A 88 26.17 -11.13 9.22
C LYS A 88 26.83 -12.50 9.32
N LYS A 89 27.38 -12.81 10.49
CA LYS A 89 28.20 -14.00 10.65
C LYS A 89 27.46 -15.30 10.34
N CYS A 90 26.28 -15.45 10.94
CA CYS A 90 25.56 -16.72 10.90
C CYS A 90 24.05 -16.48 10.91
N PRO A 91 23.27 -17.51 10.57
CA PRO A 91 21.80 -17.45 10.67
C PRO A 91 21.37 -17.41 12.13
N GLU A 92 20.30 -16.71 12.44
CA GLU A 92 19.82 -16.62 13.82
C GLU A 92 18.37 -17.06 14.03
N ARG A 93 18.13 -17.85 15.07
CA ARG A 93 16.80 -18.33 15.38
C ARG A 93 16.05 -17.25 16.14
N PHE A 94 14.82 -16.98 15.72
CA PHE A 94 14.08 -15.86 16.28
C PHE A 94 13.72 -16.05 17.75
N GLN A 95 13.42 -17.28 18.13
CA GLN A 95 12.99 -17.57 19.48
C GLN A 95 14.15 -17.62 20.46
N ASP A 96 15.31 -17.17 20.04
CA ASP A 96 16.48 -17.16 20.91
C ASP A 96 17.09 -15.76 21.00
N THR A 97 16.50 -14.81 20.30
CA THR A 97 17.01 -13.45 20.29
C THR A 97 16.51 -12.67 21.50
N LYS A 98 17.32 -11.73 21.99
CA LYS A 98 16.91 -10.89 23.10
C LYS A 98 16.77 -9.46 22.63
N GLU A 99 16.96 -9.25 21.34
CA GLU A 99 16.80 -7.93 20.75
C GLU A 99 15.34 -7.55 20.75
N GLN A 100 15.07 -6.28 20.49
CA GLN A 100 13.70 -5.78 20.47
C GLN A 100 13.50 -4.87 19.27
N PHE A 101 12.29 -4.90 18.69
CA PHE A 101 12.00 -4.12 17.51
C PHE A 101 10.64 -3.44 17.59
N ASP A 102 10.42 -2.46 16.72
CA ASP A 102 9.12 -1.81 16.56
C ASP A 102 8.22 -2.55 15.57
N ILE A 103 8.83 -3.28 14.66
CA ILE A 103 8.10 -3.99 13.63
C ILE A 103 8.84 -5.26 13.31
N ILE A 104 8.16 -6.39 13.47
CA ILE A 104 8.68 -7.67 13.04
C ILE A 104 7.84 -8.12 11.85
N VAL A 105 8.48 -8.28 10.70
CA VAL A 105 7.79 -8.64 9.46
C VAL A 105 8.01 -10.11 9.15
N THR A 106 6.93 -10.85 8.95
CA THR A 106 7.03 -12.27 8.63
C THR A 106 6.64 -12.49 7.17
N VAL A 107 7.18 -13.52 6.56
CA VAL A 107 7.00 -13.69 5.12
C VAL A 107 5.99 -14.76 4.71
N GLU A 108 5.41 -15.48 5.68
CA GLU A 108 4.37 -16.46 5.38
C GLU A 108 3.61 -16.82 6.66
N GLU A 109 2.34 -17.18 6.53
CA GLU A 109 1.47 -17.40 7.69
C GLU A 109 2.05 -18.27 8.80
N ARG A 110 2.69 -19.36 8.42
CA ARG A 110 3.27 -20.28 9.40
C ARG A 110 4.23 -19.55 10.34
N VAL A 111 5.18 -18.83 9.75
CA VAL A 111 6.15 -18.03 10.52
C VAL A 111 5.44 -16.92 11.26
N TYR A 112 4.44 -16.33 10.64
CA TYR A 112 3.65 -15.32 11.32
C TYR A 112 3.04 -15.91 12.59
N ASP A 113 2.62 -17.17 12.51
CA ASP A 113 2.05 -17.84 13.67
C ASP A 113 3.08 -18.11 14.75
N LEU A 114 4.20 -18.73 14.37
CA LEU A 114 5.29 -19.01 15.30
C LEU A 114 5.75 -17.78 16.08
N VAL A 115 6.08 -16.71 15.37
CA VAL A 115 6.50 -15.48 16.04
C VAL A 115 5.48 -14.97 17.06
N VAL A 116 4.21 -14.88 16.64
CA VAL A 116 3.16 -14.39 17.53
C VAL A 116 3.04 -15.28 18.76
N MET A 117 3.07 -16.59 18.55
CA MET A 117 3.02 -17.53 19.65
C MET A 117 4.12 -17.25 20.67
N HIS A 118 5.37 -17.38 20.21
CA HIS A 118 6.52 -17.25 21.08
C HIS A 118 6.56 -15.92 21.81
N MET A 119 5.93 -14.89 21.28
CA MET A 119 5.92 -13.60 21.95
C MET A 119 4.81 -13.50 22.99
N GLU A 120 3.71 -14.21 22.75
CA GLU A 120 2.64 -14.33 23.74
C GLU A 120 3.13 -15.18 24.89
N SER A 121 3.87 -16.24 24.55
CA SER A 121 4.43 -17.15 25.55
C SER A 121 5.48 -16.48 26.42
N MET A 122 5.97 -15.31 26.03
CA MET A 122 6.87 -14.58 26.94
C MET A 122 6.05 -13.55 27.72
N GLU A 123 6.75 -12.63 28.37
CA GLU A 123 6.13 -11.43 28.91
C GLU A 123 7.14 -10.69 29.75
N SER A 124 6.91 -9.40 29.95
CA SER A 124 7.78 -8.57 30.78
C SER A 124 7.20 -7.17 30.98
N VAL A 125 7.71 -6.47 31.98
CA VAL A 125 7.12 -5.20 32.36
C VAL A 125 7.79 -4.01 31.69
N ASP A 126 7.98 -4.11 30.38
CA ASP A 126 8.29 -2.94 29.58
C ASP A 126 6.95 -2.37 29.12
N ASN A 127 6.03 -3.27 28.79
CA ASN A 127 4.77 -2.89 28.18
C ASN A 127 4.99 -2.05 26.91
N ARG A 128 6.17 -2.16 26.32
CA ARG A 128 6.40 -1.50 25.03
C ARG A 128 5.89 -2.37 23.89
N PRO A 129 5.03 -1.80 23.03
CA PRO A 129 4.38 -2.56 21.97
C PRO A 129 5.31 -2.85 20.80
N VAL A 130 5.11 -4.00 20.18
CA VAL A 130 5.78 -4.29 18.92
C VAL A 130 4.75 -4.77 17.91
N HIS A 131 4.86 -4.27 16.67
CA HIS A 131 3.92 -4.65 15.62
C HIS A 131 4.43 -5.77 14.73
N VAL A 132 3.71 -6.88 14.74
CA VAL A 132 4.03 -8.01 13.87
C VAL A 132 3.17 -7.91 12.63
N LEU A 133 3.81 -7.91 11.47
CA LEU A 133 3.15 -7.80 10.16
C LEU A 133 3.51 -8.96 9.24
N ASN A 134 2.52 -9.47 8.53
CA ASN A 134 2.76 -10.56 7.58
C ASN A 134 2.63 -10.05 6.16
N VAL A 135 3.65 -10.34 5.35
CA VAL A 135 3.61 -10.04 3.95
C VAL A 135 4.06 -11.32 3.26
N ASP A 136 3.11 -12.09 2.70
CA ASP A 136 3.45 -13.35 2.04
C ASP A 136 4.52 -13.11 0.98
N VAL A 137 5.45 -14.05 0.85
CA VAL A 137 6.38 -14.05 -0.27
C VAL A 137 6.83 -15.49 -0.51
N VAL A 138 6.89 -15.87 -1.78
CA VAL A 138 7.18 -17.26 -2.15
C VAL A 138 8.67 -17.56 -2.01
N ASP A 139 8.98 -18.73 -1.49
CA ASP A 139 10.35 -19.09 -1.18
C ASP A 139 11.23 -19.49 -2.37
N ASN A 140 11.39 -18.57 -3.32
CA ASN A 140 12.41 -18.72 -4.36
C ASN A 140 13.19 -17.42 -4.52
N ALA A 141 14.40 -17.49 -5.06
CA ALA A 141 15.26 -16.32 -5.11
C ALA A 141 14.68 -15.16 -5.90
N GLU A 142 13.90 -15.45 -6.94
CA GLU A 142 13.29 -14.40 -7.76
C GLU A 142 12.14 -13.76 -7.02
N ASP A 143 11.34 -14.59 -6.37
CA ASP A 143 10.16 -14.10 -5.68
C ASP A 143 10.54 -13.38 -4.41
N ALA A 144 11.66 -13.78 -3.81
CA ALA A 144 12.22 -13.16 -2.61
C ALA A 144 12.71 -11.77 -2.91
N LEU A 145 13.49 -11.65 -3.98
CA LEU A 145 13.92 -10.35 -4.46
C LEU A 145 12.72 -9.42 -4.55
N MET A 146 11.66 -9.86 -5.23
CA MET A 146 10.49 -9.01 -5.36
C MET A 146 9.82 -8.75 -4.02
N GLY A 147 9.87 -9.73 -3.11
CA GLY A 147 9.31 -9.55 -1.78
C GLY A 147 10.02 -8.43 -1.05
N ALA A 148 11.34 -8.34 -1.21
CA ALA A 148 12.08 -7.28 -0.53
C ALA A 148 11.56 -5.91 -0.97
N PHE A 149 11.24 -5.77 -2.25
CA PHE A 149 10.69 -4.51 -2.74
C PHE A 149 9.44 -4.10 -1.99
N VAL A 150 8.45 -4.98 -1.99
CA VAL A 150 7.20 -4.74 -1.33
C VAL A 150 7.44 -4.43 0.14
N ILE A 151 8.13 -5.32 0.85
CA ILE A 151 8.48 -5.11 2.24
C ILE A 151 9.18 -3.77 2.48
N THR A 152 10.19 -3.44 1.69
CA THR A 152 10.89 -2.16 1.86
C THR A 152 10.03 -0.94 1.53
N ASP A 153 8.94 -1.15 0.82
CA ASP A 153 8.08 -0.04 0.45
C ASP A 153 7.11 0.19 1.59
N MET A 154 6.75 -0.88 2.27
CA MET A 154 5.88 -0.82 3.43
C MET A 154 6.57 -0.09 4.58
N ILE A 155 7.80 -0.50 4.89
CA ILE A 155 8.54 0.10 5.99
C ILE A 155 8.79 1.57 5.68
N ASN A 156 9.27 1.85 4.49
CA ASN A 156 9.49 3.23 4.05
C ASN A 156 8.29 4.15 4.28
N MET A 157 7.11 3.56 4.34
CA MET A 157 5.90 4.34 4.52
C MET A 157 5.53 4.48 5.99
N MET A 158 6.11 3.63 6.82
CA MET A 158 5.81 3.67 8.24
C MET A 158 6.86 4.44 9.01
N ALA A 159 8.04 4.55 8.42
CA ALA A 159 9.12 5.31 9.02
C ALA A 159 8.83 6.79 8.86
N LYS A 160 7.63 7.13 8.40
CA LYS A 160 7.25 8.53 8.24
C LYS A 160 6.36 8.95 9.39
N SER A 161 5.87 7.98 10.13
CA SER A 161 5.00 8.27 11.26
C SER A 161 5.80 8.76 12.44
N THR A 162 5.23 9.67 13.22
CA THR A 162 5.84 10.11 14.47
C THR A 162 4.88 9.77 15.60
N ASP A 163 4.13 8.70 15.39
CA ASP A 163 3.14 8.20 16.32
C ASP A 163 2.63 6.89 15.75
N LEU A 164 3.60 6.08 15.32
CA LEU A 164 3.37 4.80 14.67
C LEU A 164 2.24 3.98 15.29
N ASP A 165 2.11 4.06 16.61
CA ASP A 165 1.13 3.25 17.33
C ASP A 165 -0.31 3.57 16.93
N ASN A 166 -0.56 4.82 16.56
CA ASN A 166 -1.90 5.28 16.24
C ASN A 166 -2.13 5.49 14.74
N ASP A 167 -1.04 5.42 13.97
CA ASP A 167 -1.12 5.59 12.52
C ASP A 167 -1.08 4.26 11.78
N ILE A 168 -0.58 3.23 12.42
CA ILE A 168 -0.25 2.02 11.68
C ILE A 168 -1.47 1.39 11.02
N ASP A 169 -2.52 1.19 11.80
CA ASP A 169 -3.73 0.54 11.27
C ASP A 169 -4.17 1.15 9.96
N GLU A 170 -4.12 2.48 9.89
CA GLU A 170 -4.62 3.17 8.73
C GLU A 170 -3.64 3.09 7.57
N LEU A 171 -2.35 2.98 7.89
CA LEU A 171 -1.33 2.90 6.85
C LEU A 171 -1.25 1.50 6.26
N ILE A 172 -1.79 0.53 6.99
CA ILE A 172 -1.83 -0.84 6.49
C ILE A 172 -2.97 -0.96 5.49
N GLN A 173 -4.09 -0.31 5.79
CA GLN A 173 -5.17 -0.25 4.83
C GLN A 173 -4.72 0.43 3.54
N GLU A 174 -4.39 1.72 3.62
CA GLU A 174 -3.80 2.43 2.49
C GLU A 174 -2.90 1.55 1.65
N PHE A 175 -2.04 0.79 2.32
CA PHE A 175 -1.05 -0.02 1.64
C PHE A 175 -1.64 -1.28 1.00
N GLU A 176 -2.62 -1.89 1.66
CA GLU A 176 -3.27 -3.08 1.11
C GLU A 176 -4.08 -2.75 -0.15
N GLU A 177 -4.68 -1.56 -0.18
CA GLU A 177 -5.37 -1.09 -1.38
C GLU A 177 -4.35 -0.85 -2.50
N ARG A 178 -3.26 -0.21 -2.17
CA ARG A 178 -2.33 0.18 -3.20
C ARG A 178 -1.62 -1.03 -3.82
N ARG A 179 -1.25 -2.00 -2.98
CA ARG A 179 -0.44 -3.13 -3.43
C ARG A 179 -1.27 -4.39 -3.64
N LYS A 180 -2.58 -4.28 -3.38
CA LYS A 180 -3.51 -5.38 -3.60
C LYS A 180 -3.10 -6.66 -2.89
N ARG A 181 -2.59 -6.48 -1.68
CA ARG A 181 -2.11 -7.58 -0.84
C ARG A 181 -2.84 -7.56 0.49
N VAL A 182 -2.80 -8.67 1.20
CA VAL A 182 -3.30 -8.72 2.55
C VAL A 182 -2.14 -8.73 3.56
N ILE A 183 -2.17 -7.81 4.52
CA ILE A 183 -1.16 -7.75 5.57
C ILE A 183 -1.75 -8.06 6.94
N LEU A 184 -1.50 -9.26 7.48
CA LEU A 184 -1.96 -9.59 8.82
C LEU A 184 -1.25 -8.70 9.82
N HIS A 185 -1.88 -8.41 10.95
CA HIS A 185 -1.30 -7.50 11.91
C HIS A 185 -1.71 -7.79 13.33
N SER A 186 -0.72 -8.05 14.17
CA SER A 186 -0.93 -8.22 15.59
C SER A 186 -0.15 -7.14 16.32
N VAL A 187 -0.52 -6.85 17.57
CA VAL A 187 0.32 -6.01 18.41
C VAL A 187 0.65 -6.79 19.67
N LEU A 188 1.93 -7.07 19.85
CA LEU A 188 2.38 -7.85 20.98
C LEU A 188 3.02 -6.88 21.93
N PHE A 189 3.41 -7.35 23.11
CA PHE A 189 4.03 -6.46 24.09
C PHE A 189 5.33 -6.98 24.68
N TYR A 190 6.38 -6.18 24.54
CA TYR A 190 7.69 -6.51 25.05
C TYR A 190 7.73 -6.34 26.56
N LYS B 1 -15.23 20.41 16.74
CA LYS B 1 -14.00 20.25 15.97
C LYS B 1 -13.59 21.57 15.32
N LEU B 2 -12.45 21.59 14.64
CA LEU B 2 -12.05 22.77 13.89
C LEU B 2 -12.03 22.46 12.41
N ALA B 3 -12.66 23.32 11.62
CA ALA B 3 -12.71 23.14 10.18
C ALA B 3 -11.35 23.46 9.59
N VAL B 4 -10.91 22.64 8.63
CA VAL B 4 -9.61 22.82 7.99
C VAL B 4 -9.74 22.72 6.48
N ALA B 5 -8.77 23.27 5.76
CA ALA B 5 -8.73 23.15 4.31
C ALA B 5 -7.28 22.97 3.89
N VAL B 6 -7.05 22.04 2.98
CA VAL B 6 -5.73 21.93 2.37
C VAL B 6 -5.85 22.40 0.93
N VAL B 7 -4.86 23.14 0.46
CA VAL B 7 -4.95 23.70 -0.88
C VAL B 7 -3.66 23.56 -1.72
N CYS B 8 -3.79 22.96 -2.91
CA CYS B 8 -2.71 23.00 -3.88
C CYS B 8 -3.19 23.67 -5.16
N SER B 9 -2.43 23.49 -6.24
CA SER B 9 -2.78 24.13 -7.51
C SER B 9 -4.00 23.51 -8.18
N SER B 10 -3.86 22.28 -8.64
CA SER B 10 -5.02 21.50 -9.05
C SER B 10 -5.48 20.84 -7.76
N ASN B 11 -6.52 20.03 -7.79
CA ASN B 11 -7.00 19.48 -6.55
C ASN B 11 -6.76 17.97 -6.53
N MET B 12 -5.60 17.57 -7.02
CA MET B 12 -5.37 16.20 -7.47
C MET B 12 -4.45 15.38 -6.57
N ASN B 13 -3.27 15.92 -6.33
CA ASN B 13 -2.25 15.19 -5.59
C ASN B 13 -2.09 15.65 -4.14
N ARG B 14 -1.18 16.59 -3.92
CA ARG B 14 -0.81 16.99 -2.58
C ARG B 14 -1.98 17.33 -1.65
N SER B 15 -2.90 18.18 -2.08
CA SER B 15 -4.01 18.52 -1.20
C SER B 15 -4.89 17.31 -0.89
N MET B 16 -5.06 16.42 -1.85
CA MET B 16 -5.91 15.25 -1.68
C MET B 16 -5.24 14.16 -0.83
N GLU B 17 -3.92 14.13 -0.89
CA GLU B 17 -3.17 13.18 -0.09
C GLU B 17 -3.33 13.53 1.39
N ALA B 18 -3.19 14.82 1.72
CA ALA B 18 -3.39 15.28 3.09
C ALA B 18 -4.87 15.25 3.47
N HIS B 19 -5.73 15.65 2.54
CA HIS B 19 -7.18 15.53 2.74
C HIS B 19 -7.50 14.13 3.26
N ASN B 20 -7.20 13.11 2.48
CA ASN B 20 -7.48 11.74 2.89
C ASN B 20 -6.99 11.44 4.31
N PHE B 21 -5.73 11.79 4.59
CA PHE B 21 -5.12 11.54 5.88
C PHE B 21 -5.83 12.25 7.03
N LEU B 22 -6.14 13.52 6.83
CA LEU B 22 -6.85 14.28 7.82
C LEU B 22 -8.23 13.67 8.03
N ALA B 23 -9.01 13.58 6.96
CA ALA B 23 -10.33 13.01 7.05
C ALA B 23 -10.33 11.71 7.88
N LYS B 24 -9.32 10.89 7.70
CA LYS B 24 -9.25 9.62 8.43
C LYS B 24 -9.10 9.84 9.95
N LYS B 25 -8.42 10.91 10.33
CA LYS B 25 -8.17 11.20 11.74
C LYS B 25 -9.42 11.76 12.43
N GLY B 26 -10.37 12.26 11.63
CA GLY B 26 -11.64 12.71 12.16
C GLY B 26 -11.84 14.21 12.05
N PHE B 27 -10.96 14.87 11.32
CA PHE B 27 -11.05 16.33 11.17
C PHE B 27 -12.10 16.74 10.13
N ASN B 28 -12.65 17.93 10.31
CA ASN B 28 -13.64 18.47 9.40
C ASN B 28 -12.96 19.12 8.21
N VAL B 29 -12.49 18.29 7.29
CA VAL B 29 -11.53 18.72 6.27
C VAL B 29 -12.11 18.90 4.86
N ARG B 30 -11.52 19.83 4.12
CA ARG B 30 -11.85 20.06 2.73
C ARG B 30 -10.57 20.40 1.99
N SER B 31 -10.67 20.55 0.67
CA SER B 31 -9.49 20.72 -0.18
C SER B 31 -9.84 21.41 -1.49
N TYR B 32 -8.90 22.19 -2.00
CA TYR B 32 -9.15 23.05 -3.14
C TYR B 32 -7.89 23.23 -3.97
N GLY B 33 -8.07 23.70 -5.20
CA GLY B 33 -6.95 24.10 -6.02
C GLY B 33 -7.02 25.59 -6.28
N THR B 34 -5.85 26.21 -6.44
CA THR B 34 -5.76 27.64 -6.71
C THR B 34 -5.60 27.93 -8.20
N GLY B 35 -5.45 26.86 -8.99
CA GLY B 35 -5.26 27.00 -10.42
C GLY B 35 -6.48 27.48 -11.16
N GLU B 36 -6.30 27.82 -12.43
CA GLU B 36 -7.42 28.24 -13.27
C GLU B 36 -8.10 27.00 -13.83
N ARG B 37 -7.31 25.92 -13.95
CA ARG B 37 -7.75 24.65 -14.50
C ARG B 37 -7.09 23.48 -13.75
N VAL B 38 -7.77 22.34 -13.71
CA VAL B 38 -7.20 21.10 -13.18
C VAL B 38 -6.19 20.54 -14.19
N LYS B 39 -4.91 20.69 -13.89
CA LYS B 39 -3.86 20.37 -14.83
C LYS B 39 -3.18 19.06 -14.46
N LEU B 40 -2.92 18.24 -15.48
CA LEU B 40 -2.47 16.87 -15.30
C LEU B 40 -1.44 16.51 -16.35
N PRO B 41 -0.50 15.64 -15.99
CA PRO B 41 0.57 15.15 -16.86
C PRO B 41 0.03 14.17 -17.89
N GLY B 42 0.60 14.14 -19.09
CA GLY B 42 0.14 13.20 -20.11
C GLY B 42 0.95 13.11 -21.39
N MET B 43 1.81 12.09 -21.47
CA MET B 43 2.54 11.74 -22.69
C MET B 43 3.75 12.64 -22.93
N ALA B 44 3.53 13.95 -22.85
CA ALA B 44 4.62 14.91 -22.97
C ALA B 44 4.50 15.98 -21.90
N PHE B 45 5.63 16.46 -21.39
CA PHE B 45 5.63 17.54 -20.44
C PHE B 45 5.00 18.73 -21.13
N ASP B 46 5.07 18.72 -22.46
CA ASP B 46 4.55 19.78 -23.29
C ASP B 46 3.04 19.87 -23.19
N LYS B 47 2.36 18.77 -23.47
CA LYS B 47 0.91 18.78 -23.54
C LYS B 47 0.26 17.93 -22.45
N PRO B 48 -0.16 18.59 -21.37
CA PRO B 48 -0.90 18.06 -20.22
C PRO B 48 -2.38 17.83 -20.53
N ASN B 49 -3.05 17.05 -19.69
CA ASN B 49 -4.50 16.90 -19.75
C ASN B 49 -5.17 17.95 -18.88
N VAL B 50 -6.03 18.76 -19.48
CA VAL B 50 -6.58 19.91 -18.77
C VAL B 50 -8.11 19.88 -18.63
N TYR B 51 -8.60 20.07 -17.41
CA TYR B 51 -10.04 20.01 -17.18
C TYR B 51 -10.50 21.21 -16.37
N GLU B 52 -11.80 21.52 -16.43
CA GLU B 52 -12.36 22.60 -15.62
C GLU B 52 -12.71 22.07 -14.23
N PHE B 53 -12.38 22.84 -13.19
CA PHE B 53 -12.81 22.47 -11.85
C PHE B 53 -14.31 22.17 -11.89
N GLY B 54 -14.72 21.07 -11.29
CA GLY B 54 -16.08 20.60 -11.38
C GLY B 54 -16.24 19.27 -12.12
N THR B 55 -15.30 18.99 -13.02
CA THR B 55 -15.28 17.74 -13.78
C THR B 55 -15.05 16.55 -12.85
N LYS B 56 -16.00 15.62 -12.79
CA LYS B 56 -15.90 14.49 -11.86
C LYS B 56 -14.60 13.71 -12.03
N TYR B 57 -14.05 13.20 -10.93
CA TYR B 57 -12.83 12.40 -11.01
C TYR B 57 -13.05 11.19 -11.90
N GLU B 58 -14.22 10.59 -11.79
CA GLU B 58 -14.54 9.39 -12.57
C GLU B 58 -14.48 9.71 -14.06
N ASP B 59 -14.93 10.91 -14.41
CA ASP B 59 -14.96 11.32 -15.81
C ASP B 59 -13.54 11.53 -16.35
N ILE B 60 -12.66 12.09 -15.54
CA ILE B 60 -11.29 12.23 -15.96
C ILE B 60 -10.64 10.86 -16.10
N TYR B 61 -10.94 9.97 -15.14
CA TYR B 61 -10.45 8.60 -15.13
C TYR B 61 -10.72 7.90 -16.45
N ARG B 62 -11.91 8.07 -16.99
CA ARG B 62 -12.26 7.36 -18.22
C ARG B 62 -11.82 8.13 -19.47
N ASP B 63 -11.86 9.45 -19.42
CA ASP B 63 -11.24 10.23 -20.48
C ASP B 63 -9.79 9.81 -20.69
N LEU B 64 -9.10 9.44 -19.62
CA LEU B 64 -7.72 8.99 -19.73
C LEU B 64 -7.65 7.52 -20.13
N GLU B 65 -8.56 6.74 -19.56
CA GLU B 65 -8.56 5.30 -19.80
C GLU B 65 -8.78 5.01 -21.27
N SER B 66 -9.50 5.90 -21.94
CA SER B 66 -9.70 5.78 -23.38
C SER B 66 -8.50 6.31 -24.13
N LYS B 67 -7.96 7.45 -23.67
CA LYS B 67 -6.85 8.08 -24.35
C LYS B 67 -5.67 7.15 -24.49
N ASP B 68 -5.48 6.27 -23.51
CA ASP B 68 -4.31 5.42 -23.47
C ASP B 68 -4.22 4.72 -22.13
N LYS B 69 -5.12 3.76 -21.91
CA LYS B 69 -5.20 3.12 -20.60
C LYS B 69 -3.84 2.74 -20.01
N GLU B 70 -2.88 2.40 -20.86
CA GLU B 70 -1.59 1.93 -20.36
C GLU B 70 -0.75 3.04 -19.71
N PHE B 71 -0.46 4.08 -20.48
CA PHE B 71 0.39 5.15 -20.01
C PHE B 71 -0.09 5.76 -18.70
N TYR B 72 -1.38 5.63 -18.42
CA TYR B 72 -1.99 6.36 -17.31
C TYR B 72 -2.25 5.52 -16.07
N THR B 73 -2.01 4.21 -16.15
CA THR B 73 -1.95 3.45 -14.92
C THR B 73 -0.50 3.38 -14.50
N GLN B 74 0.37 3.12 -15.47
CA GLN B 74 1.78 2.95 -15.15
C GLN B 74 2.39 4.21 -14.55
N ASN B 75 1.91 5.38 -14.98
CA ASN B 75 2.44 6.62 -14.44
C ASN B 75 1.59 7.15 -13.29
N GLY B 76 0.76 6.28 -12.72
CA GLY B 76 0.06 6.55 -11.48
C GLY B 76 -1.28 7.24 -11.54
N LEU B 77 -1.53 8.05 -12.57
CA LEU B 77 -2.72 8.89 -12.57
C LEU B 77 -4.01 8.15 -12.25
N LEU B 78 -4.29 7.07 -12.97
CA LEU B 78 -5.56 6.38 -12.78
C LEU B 78 -5.79 5.96 -11.33
N HIS B 79 -4.78 5.43 -10.68
CA HIS B 79 -4.92 5.07 -9.27
C HIS B 79 -5.22 6.30 -8.40
N MET B 80 -4.46 7.36 -8.60
CA MET B 80 -4.69 8.59 -7.89
C MET B 80 -6.11 9.08 -8.03
N LEU B 81 -6.64 9.02 -9.26
CA LEU B 81 -7.97 9.52 -9.55
C LEU B 81 -9.00 8.66 -8.86
N ASP B 82 -8.75 7.37 -8.91
CA ASP B 82 -9.58 6.40 -8.26
C ASP B 82 -9.62 6.72 -6.77
N ARG B 83 -8.46 7.04 -6.21
CA ARG B 83 -8.38 7.44 -4.80
C ARG B 83 -9.23 8.67 -4.53
N ASN B 84 -8.93 9.76 -5.23
CA ASN B 84 -9.71 10.99 -5.09
C ASN B 84 -11.21 10.73 -5.11
N ARG B 85 -11.63 9.93 -6.08
CA ARG B 85 -13.04 9.65 -6.31
C ARG B 85 -13.74 9.01 -5.10
N ARG B 86 -12.97 8.27 -4.30
CA ARG B 86 -13.48 7.71 -3.05
C ARG B 86 -13.79 8.82 -2.05
N ILE B 87 -12.90 9.82 -2.00
CA ILE B 87 -13.04 10.95 -1.07
C ILE B 87 -14.21 11.86 -1.44
N LYS B 88 -14.25 12.29 -2.68
CA LYS B 88 -15.31 13.18 -3.12
C LYS B 88 -15.45 13.16 -4.63
N LYS B 89 -16.54 13.75 -5.12
CA LYS B 89 -16.92 13.61 -6.52
C LYS B 89 -16.01 14.36 -7.49
N CYS B 90 -15.59 15.57 -7.15
CA CYS B 90 -14.77 16.35 -8.07
C CYS B 90 -13.86 17.38 -7.39
N PRO B 91 -12.81 17.81 -8.10
CA PRO B 91 -11.92 18.88 -7.64
C PRO B 91 -12.71 20.16 -7.46
N GLU B 92 -12.29 21.02 -6.52
CA GLU B 92 -12.97 22.29 -6.31
C GLU B 92 -12.00 23.45 -6.30
N ARG B 93 -12.40 24.57 -6.88
CA ARG B 93 -11.51 25.73 -6.94
C ARG B 93 -11.74 26.67 -5.76
N PHE B 94 -10.72 26.83 -4.93
CA PHE B 94 -10.76 27.66 -3.75
C PHE B 94 -11.44 29.01 -3.96
N GLN B 95 -10.95 29.76 -4.95
CA GLN B 95 -11.46 31.10 -5.23
C GLN B 95 -12.98 31.13 -5.39
N ASP B 96 -13.59 29.98 -5.71
CA ASP B 96 -15.01 29.92 -5.97
C ASP B 96 -15.83 29.47 -4.76
N THR B 97 -15.16 29.05 -3.70
CA THR B 97 -15.89 28.49 -2.57
C THR B 97 -16.45 29.58 -1.67
N LYS B 98 -17.44 29.21 -0.86
CA LYS B 98 -18.03 30.12 0.12
C LYS B 98 -17.97 29.52 1.52
N GLU B 99 -17.32 28.36 1.63
CA GLU B 99 -17.09 27.71 2.91
C GLU B 99 -16.08 28.51 3.72
N GLN B 100 -16.08 28.30 5.03
CA GLN B 100 -15.16 29.02 5.91
C GLN B 100 -14.45 28.09 6.86
N PHE B 101 -13.19 28.39 7.13
CA PHE B 101 -12.35 27.50 7.92
C PHE B 101 -11.66 28.21 9.06
N ASP B 102 -11.26 27.43 10.05
CA ASP B 102 -10.44 27.94 11.12
C ASP B 102 -8.99 28.04 10.66
N ILE B 103 -8.52 27.00 9.96
CA ILE B 103 -7.16 26.96 9.43
C ILE B 103 -7.15 26.54 7.95
N ILE B 104 -6.31 27.19 7.15
CA ILE B 104 -6.19 26.84 5.74
C ILE B 104 -4.73 26.61 5.45
N VAL B 105 -4.38 25.40 5.04
CA VAL B 105 -2.99 25.06 4.81
C VAL B 105 -2.67 24.99 3.32
N THR B 106 -1.67 25.74 2.88
CA THR B 106 -1.22 25.65 1.50
C THR B 106 0.11 24.89 1.44
N VAL B 107 0.37 24.24 0.31
CA VAL B 107 1.51 23.32 0.18
C VAL B 107 2.70 23.90 -0.58
N GLU B 108 2.58 25.12 -1.08
CA GLU B 108 3.70 25.81 -1.72
C GLU B 108 3.43 27.30 -1.82
N GLU B 109 4.47 28.10 -1.59
CA GLU B 109 4.35 29.55 -1.50
C GLU B 109 3.47 30.21 -2.55
N ARG B 110 3.55 29.76 -3.80
CA ARG B 110 2.70 30.35 -4.84
C ARG B 110 1.23 30.17 -4.52
N VAL B 111 0.87 28.96 -4.11
CA VAL B 111 -0.50 28.68 -3.69
C VAL B 111 -0.85 29.57 -2.49
N TYR B 112 0.05 29.59 -1.53
CA TYR B 112 -0.08 30.47 -0.38
C TYR B 112 -0.42 31.89 -0.80
N ASP B 113 0.42 32.50 -1.63
CA ASP B 113 0.18 33.86 -2.10
C ASP B 113 -1.17 34.02 -2.82
N LEU B 114 -1.55 33.03 -3.62
CA LEU B 114 -2.79 33.10 -4.39
C LEU B 114 -4.01 33.07 -3.48
N VAL B 115 -3.92 32.27 -2.44
CA VAL B 115 -4.96 32.15 -1.43
C VAL B 115 -5.11 33.47 -0.71
N VAL B 116 -4.03 33.93 -0.09
CA VAL B 116 -4.08 35.19 0.64
C VAL B 116 -4.67 36.29 -0.23
N MET B 117 -4.11 36.46 -1.41
CA MET B 117 -4.60 37.47 -2.34
C MET B 117 -6.12 37.45 -2.53
N HIS B 118 -6.72 36.26 -2.68
CA HIS B 118 -8.15 36.19 -2.92
C HIS B 118 -8.97 36.60 -1.71
N MET B 119 -8.49 36.23 -0.53
CA MET B 119 -9.22 36.51 0.69
C MET B 119 -9.20 37.99 1.02
N GLU B 120 -8.08 38.64 0.70
CA GLU B 120 -7.96 40.06 0.94
C GLU B 120 -8.69 40.94 -0.09
N SER B 121 -9.04 40.36 -1.24
CA SER B 121 -9.81 41.10 -2.23
C SER B 121 -11.30 41.06 -1.93
N MET B 122 -11.67 40.33 -0.87
CA MET B 122 -13.03 40.36 -0.36
C MET B 122 -13.04 41.42 0.72
N GLU B 123 -14.09 41.47 1.54
CA GLU B 123 -14.03 42.34 2.72
C GLU B 123 -14.85 41.78 3.88
N SER B 124 -14.28 41.82 5.08
CA SER B 124 -14.80 41.08 6.22
C SER B 124 -16.19 41.52 6.67
N VAL B 125 -16.97 40.58 7.21
CA VAL B 125 -18.30 40.91 7.69
C VAL B 125 -18.73 40.18 8.97
N ASP B 126 -18.00 39.14 9.36
CA ASP B 126 -18.25 38.45 10.62
C ASP B 126 -17.09 38.73 11.54
N ASN B 127 -15.97 39.07 10.93
CA ASN B 127 -14.74 39.35 11.63
C ASN B 127 -14.19 38.14 12.37
N ARG B 128 -14.49 36.94 11.89
CA ARG B 128 -13.93 35.73 12.50
C ARG B 128 -12.56 35.43 11.89
N PRO B 129 -11.58 35.14 12.76
CA PRO B 129 -10.20 34.93 12.34
C PRO B 129 -10.03 33.59 11.62
N VAL B 130 -9.02 33.54 10.75
CA VAL B 130 -8.66 32.32 10.08
C VAL B 130 -7.18 32.38 9.77
N HIS B 131 -6.45 31.32 10.10
CA HIS B 131 -5.02 31.30 9.88
C HIS B 131 -4.67 30.61 8.59
N VAL B 132 -3.77 31.23 7.84
CA VAL B 132 -3.30 30.65 6.61
C VAL B 132 -1.84 30.27 6.72
N LEU B 133 -1.60 28.97 6.88
CA LEU B 133 -0.26 28.43 7.01
C LEU B 133 0.20 27.80 5.72
N ASN B 134 1.50 27.84 5.48
CA ASN B 134 2.08 27.25 4.28
C ASN B 134 3.19 26.27 4.61
N VAL B 135 2.91 24.99 4.42
CA VAL B 135 3.91 23.94 4.62
C VAL B 135 4.39 23.46 3.26
N ASP B 136 5.57 23.89 2.83
CA ASP B 136 6.06 23.52 1.51
C ASP B 136 6.23 21.99 1.34
N VAL B 137 5.47 21.44 0.39
CA VAL B 137 5.57 20.03 0.02
C VAL B 137 5.74 19.87 -1.49
N VAL B 138 6.64 18.96 -1.89
CA VAL B 138 7.01 18.81 -3.29
C VAL B 138 6.01 18.00 -4.13
N ASP B 139 5.62 18.57 -5.26
CA ASP B 139 4.56 18.01 -6.10
C ASP B 139 4.92 16.64 -6.67
N ASN B 140 4.79 15.61 -5.84
CA ASN B 140 4.96 14.25 -6.34
C ASN B 140 4.37 13.22 -5.39
N ALA B 141 4.40 11.95 -5.78
CA ALA B 141 3.73 10.92 -5.01
C ALA B 141 4.26 10.79 -3.58
N GLU B 142 5.59 10.70 -3.45
CA GLU B 142 6.19 10.38 -2.16
C GLU B 142 6.23 11.55 -1.21
N ASP B 143 6.60 12.73 -1.71
CA ASP B 143 6.59 13.91 -0.85
C ASP B 143 5.14 14.33 -0.51
N ALA B 144 4.19 13.92 -1.34
CA ALA B 144 2.79 14.18 -1.06
C ALA B 144 2.40 13.37 0.17
N LEU B 145 2.98 12.19 0.27
CA LEU B 145 2.75 11.33 1.43
C LEU B 145 3.47 11.89 2.67
N MET B 146 4.61 12.54 2.47
CA MET B 146 5.25 13.23 3.57
C MET B 146 4.37 14.39 4.01
N GLY B 147 4.07 15.29 3.08
CA GLY B 147 3.17 16.39 3.33
C GLY B 147 1.99 15.97 4.21
N ALA B 148 1.18 15.05 3.72
CA ALA B 148 0.07 14.55 4.51
C ALA B 148 0.48 14.25 5.95
N PHE B 149 1.62 13.59 6.12
CA PHE B 149 2.11 13.25 7.46
C PHE B 149 2.44 14.48 8.27
N VAL B 150 3.12 15.42 7.65
CA VAL B 150 3.54 16.63 8.33
C VAL B 150 2.35 17.51 8.67
N ILE B 151 1.53 17.80 7.68
CA ILE B 151 0.41 18.70 7.90
C ILE B 151 -0.66 18.10 8.82
N THR B 152 -0.70 16.78 8.96
CA THR B 152 -1.60 16.15 9.93
C THR B 152 -1.01 16.24 11.33
N ASP B 153 0.31 16.26 11.41
CA ASP B 153 1.00 16.39 12.69
C ASP B 153 0.74 17.78 13.21
N MET B 154 0.92 18.76 12.34
CA MET B 154 0.70 20.15 12.69
C MET B 154 -0.72 20.42 13.14
N ILE B 155 -1.68 20.17 12.25
CA ILE B 155 -3.07 20.45 12.54
C ILE B 155 -3.47 19.81 13.86
N ASN B 156 -2.87 18.67 14.14
CA ASN B 156 -3.17 17.93 15.35
C ASN B 156 -2.69 18.71 16.53
N MET B 157 -1.44 19.17 16.42
CA MET B 157 -0.85 20.02 17.42
C MET B 157 -1.78 21.20 17.74
N MET B 158 -2.15 21.95 16.71
CA MET B 158 -2.96 23.14 16.88
C MET B 158 -4.38 22.86 17.32
N ALA B 159 -4.78 21.60 17.20
CA ALA B 159 -6.13 21.20 17.58
C ALA B 159 -6.22 20.98 19.08
N LYS B 160 -5.06 20.81 19.70
CA LYS B 160 -4.98 20.56 21.15
C LYS B 160 -5.10 21.87 21.95
N SER B 161 -4.71 22.97 21.32
CA SER B 161 -4.72 24.30 21.94
C SER B 161 -6.10 24.77 22.38
N THR B 162 -6.16 25.52 23.47
CA THR B 162 -7.42 26.07 23.97
C THR B 162 -7.60 27.54 23.64
N ASP B 163 -6.54 28.17 23.14
CA ASP B 163 -6.63 29.55 22.64
C ASP B 163 -5.68 29.75 21.47
N LEU B 164 -6.01 29.11 20.35
CA LEU B 164 -5.16 29.09 19.17
C LEU B 164 -4.78 30.50 18.73
N ASP B 165 -5.66 31.46 18.96
CA ASP B 165 -5.42 32.82 18.48
C ASP B 165 -4.19 33.45 19.13
N ASN B 166 -3.88 33.02 20.34
CA ASN B 166 -2.74 33.57 21.05
C ASN B 166 -1.48 32.71 20.94
N ASP B 167 -1.61 31.42 21.24
CA ASP B 167 -0.45 30.54 21.19
C ASP B 167 -0.08 30.02 19.78
N ILE B 168 -0.83 30.46 18.76
CA ILE B 168 -0.53 30.06 17.39
C ILE B 168 0.93 30.31 17.01
N ASP B 169 1.45 31.49 17.36
CA ASP B 169 2.79 31.89 16.95
C ASP B 169 3.84 31.04 17.64
N GLU B 170 3.48 30.56 18.82
CA GLU B 170 4.38 29.75 19.63
C GLU B 170 4.47 28.36 19.03
N LEU B 171 3.32 27.81 18.68
CA LEU B 171 3.25 26.46 18.14
C LEU B 171 3.98 26.36 16.82
N ILE B 172 3.77 27.34 15.94
CA ILE B 172 4.55 27.41 14.71
C ILE B 172 6.04 27.37 15.00
N GLN B 173 6.46 27.97 16.11
CA GLN B 173 7.86 27.91 16.50
C GLN B 173 8.26 26.51 16.95
N GLU B 174 7.59 25.96 17.96
CA GLU B 174 7.84 24.58 18.35
C GLU B 174 8.00 23.73 17.10
N PHE B 175 7.02 23.84 16.21
CA PHE B 175 6.94 23.02 15.01
C PHE B 175 8.05 23.30 13.99
N GLU B 176 8.21 24.55 13.59
CA GLU B 176 9.29 24.93 12.68
C GLU B 176 10.68 24.46 13.15
N GLU B 177 10.80 24.23 14.45
CA GLU B 177 12.07 23.81 15.07
C GLU B 177 12.14 22.30 15.20
N ARG B 178 11.03 21.68 15.58
CA ARG B 178 10.97 20.24 15.76
C ARG B 178 10.99 19.51 14.42
N ARG B 179 10.52 20.18 13.37
CA ARG B 179 10.42 19.59 12.04
C ARG B 179 11.41 20.17 11.06
N LYS B 180 12.05 21.27 11.44
CA LYS B 180 13.06 21.88 10.61
C LYS B 180 12.49 22.33 9.27
N ARG B 181 11.30 22.90 9.31
CA ARG B 181 10.66 23.43 8.11
C ARG B 181 10.17 24.84 8.40
N VAL B 182 9.77 25.57 7.36
CA VAL B 182 9.37 26.97 7.50
C VAL B 182 7.91 27.20 7.16
N ILE B 183 7.17 27.73 8.13
CA ILE B 183 5.72 27.86 8.03
C ILE B 183 5.30 29.32 7.84
N LEU B 184 4.99 29.72 6.61
CA LEU B 184 4.49 31.06 6.36
C LEU B 184 3.16 31.24 7.08
N HIS B 185 2.95 32.42 7.67
CA HIS B 185 1.76 32.62 8.49
C HIS B 185 1.06 33.97 8.34
N SER B 186 -0.19 33.93 7.93
CA SER B 186 -1.01 35.14 7.82
C SER B 186 -2.32 34.91 8.54
N VAL B 187 -2.84 35.96 9.16
CA VAL B 187 -4.15 35.88 9.77
C VAL B 187 -5.09 36.80 9.02
N LEU B 188 -6.13 36.23 8.43
CA LEU B 188 -7.09 36.99 7.65
C LEU B 188 -8.42 36.94 8.39
N PHE B 189 -9.43 37.63 7.87
CA PHE B 189 -10.72 37.69 8.56
C PHE B 189 -11.90 37.51 7.61
N TYR B 190 -12.90 36.77 8.05
CA TYR B 190 -14.10 36.53 7.25
C TYR B 190 -15.19 37.55 7.51
N LYS C 1 29.01 -20.01 -26.77
CA LYS C 1 28.24 -18.85 -26.29
C LYS C 1 27.66 -18.04 -27.46
N LEU C 2 26.39 -17.64 -27.31
CA LEU C 2 25.70 -16.86 -28.33
C LEU C 2 25.67 -15.39 -27.95
N ALA C 3 25.56 -14.53 -28.96
CA ALA C 3 25.61 -13.09 -28.74
C ALA C 3 24.22 -12.54 -28.58
N VAL C 4 23.97 -11.97 -27.40
CA VAL C 4 22.68 -11.42 -27.05
C VAL C 4 22.76 -9.91 -26.92
N ALA C 5 21.71 -9.21 -27.33
CA ALA C 5 21.61 -7.78 -27.13
C ALA C 5 20.21 -7.44 -26.60
N VAL C 6 20.17 -6.69 -25.50
CA VAL C 6 18.91 -6.23 -24.94
C VAL C 6 18.79 -4.75 -25.24
N VAL C 7 17.61 -4.31 -25.66
CA VAL C 7 17.45 -2.92 -26.09
C VAL C 7 16.21 -2.28 -25.49
N CYS C 8 16.35 -1.03 -25.05
CA CYS C 8 15.19 -0.23 -24.68
C CYS C 8 15.26 1.12 -25.39
N SER C 9 14.68 2.16 -24.80
CA SER C 9 14.73 3.48 -25.40
C SER C 9 16.01 4.25 -25.04
N SER C 10 16.17 4.54 -23.75
CA SER C 10 17.28 5.38 -23.31
C SER C 10 18.54 4.60 -22.94
N ASN C 11 18.44 3.28 -22.91
CA ASN C 11 19.56 2.46 -22.43
C ASN C 11 19.95 2.89 -21.03
N MET C 12 18.97 3.11 -20.17
CA MET C 12 19.23 3.59 -18.82
C MET C 12 18.72 2.65 -17.72
N ASN C 13 17.50 2.14 -17.90
CA ASN C 13 16.86 1.35 -16.85
C ASN C 13 16.59 -0.11 -17.28
N ARG C 14 15.55 -0.33 -18.08
CA ARG C 14 15.17 -1.69 -18.43
C ARG C 14 16.28 -2.51 -19.10
N SER C 15 16.91 -1.97 -20.13
CA SER C 15 17.95 -2.71 -20.84
C SER C 15 19.16 -2.97 -19.96
N MET C 16 19.48 -2.00 -19.10
CA MET C 16 20.64 -2.10 -18.21
C MET C 16 20.38 -3.09 -17.08
N GLU C 17 19.13 -3.18 -16.66
CA GLU C 17 18.74 -4.13 -15.64
C GLU C 17 18.96 -5.56 -16.13
N ALA C 18 18.63 -5.80 -17.39
CA ALA C 18 18.77 -7.12 -17.97
C ALA C 18 20.20 -7.31 -18.45
N HIS C 19 20.85 -6.21 -18.81
CA HIS C 19 22.24 -6.28 -19.23
C HIS C 19 23.06 -6.83 -18.08
N ASN C 20 22.78 -6.30 -16.89
CA ASN C 20 23.48 -6.68 -15.67
C ASN C 20 23.25 -8.14 -15.32
N PHE C 21 22.01 -8.57 -15.53
CA PHE C 21 21.63 -9.93 -15.20
C PHE C 21 22.19 -11.00 -16.12
N LEU C 22 22.04 -10.76 -17.42
CA LEU C 22 22.56 -11.68 -18.41
C LEU C 22 24.04 -11.86 -18.15
N ALA C 23 24.76 -10.75 -18.05
CA ALA C 23 26.19 -10.79 -17.77
C ALA C 23 26.45 -11.69 -16.57
N LYS C 24 25.75 -11.46 -15.46
CA LYS C 24 25.97 -12.24 -14.26
C LYS C 24 25.81 -13.74 -14.54
N LYS C 25 24.88 -14.06 -15.42
CA LYS C 25 24.62 -15.45 -15.75
C LYS C 25 25.60 -16.00 -16.79
N GLY C 26 26.63 -15.22 -17.08
CA GLY C 26 27.72 -15.66 -17.93
C GLY C 26 27.49 -15.49 -19.41
N PHE C 27 26.52 -14.66 -19.79
CA PHE C 27 26.18 -14.48 -21.21
C PHE C 27 26.93 -13.35 -21.91
N ASN C 28 26.93 -13.41 -23.23
CA ASN C 28 27.62 -12.43 -24.05
C ASN C 28 26.67 -11.30 -24.43
N VAL C 29 26.51 -10.35 -23.51
CA VAL C 29 25.47 -9.34 -23.66
C VAL C 29 25.97 -7.92 -23.88
N ARG C 30 25.31 -7.21 -24.80
CA ARG C 30 25.50 -5.79 -24.99
C ARG C 30 24.11 -5.15 -24.98
N SER C 31 24.03 -3.86 -24.72
CA SER C 31 22.73 -3.20 -24.58
C SER C 31 22.73 -1.82 -25.23
N TYR C 32 21.57 -1.40 -25.72
CA TYR C 32 21.49 -0.19 -26.50
C TYR C 32 20.18 0.53 -26.28
N GLY C 33 20.08 1.74 -26.81
CA GLY C 33 18.86 2.49 -26.76
C GLY C 33 18.44 2.73 -28.19
N THR C 34 17.20 3.17 -28.39
CA THR C 34 16.71 3.40 -29.73
C THR C 34 16.34 4.85 -29.94
N GLY C 35 16.18 5.58 -28.85
CA GLY C 35 15.74 6.95 -28.91
C GLY C 35 16.73 7.82 -29.67
N GLU C 36 16.30 9.02 -30.04
CA GLU C 36 17.21 9.98 -30.66
C GLU C 36 18.31 10.34 -29.66
N ARG C 37 17.92 10.42 -28.40
CA ARG C 37 18.83 10.74 -27.31
C ARG C 37 18.47 10.03 -26.01
N VAL C 38 19.29 10.26 -24.99
CA VAL C 38 19.06 9.76 -23.65
C VAL C 38 18.29 10.79 -22.84
N LYS C 39 17.09 10.44 -22.40
CA LYS C 39 16.28 11.38 -21.66
C LYS C 39 15.85 10.85 -20.29
N LEU C 40 16.20 11.60 -19.24
CA LEU C 40 15.84 11.25 -17.88
C LEU C 40 14.93 12.31 -17.28
N PRO C 41 13.78 11.87 -16.74
CA PRO C 41 12.71 12.73 -16.22
C PRO C 41 13.06 13.38 -14.90
N GLY C 42 12.58 14.60 -14.71
CA GLY C 42 12.71 15.31 -13.45
C GLY C 42 11.60 16.33 -13.32
N MET C 43 10.67 16.07 -12.41
CA MET C 43 9.48 16.92 -12.24
C MET C 43 8.64 16.96 -13.53
N ALA C 44 7.39 16.51 -13.42
CA ALA C 44 6.63 16.04 -14.58
C ALA C 44 5.94 17.09 -15.46
N PHE C 45 6.22 18.36 -15.24
CA PHE C 45 5.72 19.40 -16.13
C PHE C 45 6.86 20.20 -16.73
N ASP C 46 8.08 19.91 -16.26
CA ASP C 46 9.26 20.61 -16.73
C ASP C 46 10.11 19.75 -17.67
N LYS C 47 10.71 20.41 -18.67
CA LYS C 47 11.54 19.75 -19.67
C LYS C 47 12.47 18.71 -19.06
N PRO C 48 12.45 17.50 -19.63
CA PRO C 48 13.29 16.37 -19.19
C PRO C 48 14.78 16.64 -19.40
N ASN C 49 15.62 15.90 -18.69
CA ASN C 49 17.05 16.01 -18.83
C ASN C 49 17.49 15.24 -20.06
N VAL C 50 18.00 15.94 -21.06
CA VAL C 50 18.40 15.29 -22.31
C VAL C 50 19.92 15.19 -22.40
N TYR C 51 20.41 14.08 -22.97
CA TYR C 51 21.85 13.89 -23.14
C TYR C 51 22.16 13.12 -24.41
N GLU C 52 23.23 13.50 -25.08
CA GLU C 52 23.65 12.85 -26.32
C GLU C 52 24.22 11.45 -26.08
N PHE C 53 23.78 10.49 -26.88
CA PHE C 53 24.30 9.13 -26.75
C PHE C 53 25.82 9.15 -26.77
N GLY C 54 26.44 8.47 -25.83
CA GLY C 54 27.88 8.46 -25.72
C GLY C 54 28.38 9.26 -24.53
N THR C 55 27.47 10.04 -23.95
CA THR C 55 27.73 10.77 -22.70
C THR C 55 27.98 9.79 -21.56
N LYS C 56 29.15 9.87 -20.93
CA LYS C 56 29.50 8.94 -19.86
C LYS C 56 28.45 8.98 -18.75
N TYR C 57 28.21 7.84 -18.11
CA TYR C 57 27.22 7.77 -17.03
C TYR C 57 27.64 8.67 -15.89
N GLU C 58 28.94 8.68 -15.63
CA GLU C 58 29.55 9.54 -14.62
C GLU C 58 29.11 11.00 -14.78
N ASP C 59 29.30 11.55 -15.97
CA ASP C 59 28.99 12.96 -16.23
C ASP C 59 27.53 13.27 -15.91
N ILE C 60 26.64 12.36 -16.28
CA ILE C 60 25.21 12.55 -16.01
C ILE C 60 24.96 12.56 -14.51
N TYR C 61 25.67 11.69 -13.80
CA TYR C 61 25.51 11.55 -12.35
C TYR C 61 25.73 12.86 -11.62
N ARG C 62 26.80 13.57 -12.00
CA ARG C 62 27.15 14.82 -11.35
C ARG C 62 26.20 15.96 -11.72
N ASP C 63 25.73 15.97 -12.97
CA ASP C 63 24.81 17.02 -13.41
C ASP C 63 23.48 16.96 -12.66
N LEU C 64 23.14 15.79 -12.14
CA LEU C 64 21.94 15.65 -11.34
C LEU C 64 22.19 16.06 -9.89
N GLU C 65 23.37 15.72 -9.39
CA GLU C 65 23.80 16.10 -8.04
C GLU C 65 23.80 17.63 -7.93
N SER C 66 24.31 18.29 -8.96
CA SER C 66 24.47 19.73 -8.95
C SER C 66 23.20 20.47 -9.40
N LYS C 67 22.25 19.73 -9.96
CA LYS C 67 20.96 20.32 -10.34
C LYS C 67 19.99 20.29 -9.17
N ASP C 68 20.06 19.23 -8.36
CA ASP C 68 19.14 19.02 -7.24
C ASP C 68 19.42 17.67 -6.58
N LYS C 69 20.55 17.57 -5.91
CA LYS C 69 20.99 16.30 -5.33
C LYS C 69 19.90 15.63 -4.47
N GLU C 70 18.94 16.43 -4.02
CA GLU C 70 17.83 15.93 -3.22
C GLU C 70 16.84 15.11 -4.06
N PHE C 71 16.37 15.74 -5.14
CA PHE C 71 15.33 15.19 -5.99
C PHE C 71 15.79 13.95 -6.74
N TYR C 72 17.08 13.87 -7.03
CA TYR C 72 17.62 12.80 -7.86
C TYR C 72 18.26 11.67 -7.05
N THR C 73 18.43 11.86 -5.75
CA THR C 73 18.80 10.76 -4.87
C THR C 73 17.53 10.01 -4.50
N GLN C 74 16.44 10.76 -4.35
CA GLN C 74 15.18 10.22 -3.89
C GLN C 74 14.52 9.35 -4.94
N ASN C 75 14.39 9.88 -6.16
CA ASN C 75 13.80 9.12 -7.26
C ASN C 75 14.78 8.10 -7.84
N GLY C 76 15.71 7.64 -6.99
CA GLY C 76 16.62 6.57 -7.33
C GLY C 76 17.43 6.69 -8.61
N LEU C 77 17.35 7.83 -9.28
CA LEU C 77 18.10 8.00 -10.50
C LEU C 77 19.60 7.86 -10.24
N LEU C 78 20.05 8.48 -9.15
CA LEU C 78 21.47 8.46 -8.81
C LEU C 78 21.97 7.04 -8.62
N HIS C 79 21.26 6.24 -7.85
CA HIS C 79 21.70 4.88 -7.62
C HIS C 79 21.81 4.11 -8.93
N MET C 80 20.84 4.32 -9.82
CA MET C 80 20.78 3.61 -11.08
C MET C 80 21.90 4.05 -12.03
N LEU C 81 22.17 5.35 -12.04
CA LEU C 81 23.31 5.85 -12.80
C LEU C 81 24.59 5.20 -12.30
N ASP C 82 24.75 5.13 -10.99
CA ASP C 82 25.90 4.46 -10.38
C ASP C 82 25.94 2.99 -10.79
N ARG C 83 24.79 2.32 -10.73
CA ARG C 83 24.73 0.90 -11.09
C ARG C 83 25.20 0.67 -12.53
N ASN C 84 24.88 1.62 -13.41
CA ASN C 84 25.24 1.50 -14.82
C ASN C 84 26.74 1.70 -15.04
N ARG C 85 27.24 2.80 -14.49
CA ARG C 85 28.67 3.10 -14.45
C ARG C 85 29.53 1.85 -14.27
N ARG C 86 29.07 0.95 -13.39
CA ARG C 86 29.77 -0.28 -13.06
C ARG C 86 29.77 -1.31 -14.18
N ILE C 87 28.87 -1.12 -15.15
CA ILE C 87 28.65 -2.10 -16.21
C ILE C 87 29.31 -1.69 -17.52
N LYS C 88 29.21 -0.40 -17.82
CA LYS C 88 29.59 0.13 -19.11
C LYS C 88 29.93 1.59 -18.86
N LYS C 89 30.62 2.22 -19.81
CA LYS C 89 31.08 3.59 -19.57
C LYS C 89 30.02 4.64 -19.95
N CYS C 90 29.21 4.34 -20.96
CA CYS C 90 28.17 5.26 -21.41
C CYS C 90 27.04 4.50 -22.10
N PRO C 91 25.92 5.19 -22.36
CA PRO C 91 24.82 4.63 -23.17
C PRO C 91 25.18 4.57 -24.66
N GLU C 92 24.72 3.53 -25.34
CA GLU C 92 24.99 3.39 -26.77
C GLU C 92 23.69 3.31 -27.57
N ARG C 93 23.66 3.98 -28.73
CA ARG C 93 22.48 3.97 -29.58
C ARG C 93 22.52 2.77 -30.52
N PHE C 94 21.40 2.06 -30.59
CA PHE C 94 21.36 0.81 -31.34
C PHE C 94 21.64 1.04 -32.82
N GLN C 95 20.85 1.92 -33.42
CA GLN C 95 20.98 2.21 -34.84
C GLN C 95 22.43 2.51 -35.24
N ASP C 96 23.25 2.89 -34.27
CA ASP C 96 24.60 3.38 -34.55
C ASP C 96 25.70 2.37 -34.25
N THR C 97 25.35 1.12 -34.02
CA THR C 97 26.37 0.12 -33.76
C THR C 97 26.64 -0.76 -34.98
N LYS C 98 27.89 -1.21 -35.09
CA LYS C 98 28.30 -2.09 -36.16
C LYS C 98 28.17 -3.54 -35.69
N GLU C 99 28.05 -3.72 -34.38
CA GLU C 99 28.02 -5.04 -33.77
C GLU C 99 26.88 -5.91 -34.32
N GLN C 100 27.02 -7.21 -34.10
CA GLN C 100 26.04 -8.16 -34.60
C GLN C 100 25.74 -9.19 -33.54
N PHE C 101 24.48 -9.63 -33.50
CA PHE C 101 24.04 -10.59 -32.49
C PHE C 101 23.19 -11.69 -33.07
N ASP C 102 23.05 -12.77 -32.31
CA ASP C 102 22.21 -13.90 -32.67
C ASP C 102 20.76 -13.61 -32.28
N ILE C 103 20.59 -12.88 -31.19
CA ILE C 103 19.29 -12.54 -30.66
C ILE C 103 19.28 -11.12 -30.09
N ILE C 104 18.36 -10.29 -30.56
CA ILE C 104 18.15 -8.97 -29.97
C ILE C 104 16.78 -8.92 -29.30
N VAL C 105 16.76 -8.77 -27.98
CA VAL C 105 15.51 -8.64 -27.25
C VAL C 105 15.13 -7.15 -27.11
N THR C 106 13.86 -6.83 -27.28
CA THR C 106 13.43 -5.46 -27.11
C THR C 106 12.35 -5.41 -26.03
N VAL C 107 12.37 -4.38 -25.18
CA VAL C 107 11.51 -4.41 -24.00
C VAL C 107 10.11 -3.85 -24.18
N GLU C 108 9.81 -3.30 -25.36
CA GLU C 108 8.45 -2.81 -25.62
C GLU C 108 8.16 -2.59 -27.10
N GLU C 109 6.89 -2.69 -27.48
CA GLU C 109 6.46 -2.59 -28.89
C GLU C 109 7.13 -1.50 -29.73
N ARG C 110 7.14 -0.27 -29.22
CA ARG C 110 7.70 0.85 -29.98
C ARG C 110 9.19 0.66 -30.27
N VAL C 111 9.93 0.09 -29.33
CA VAL C 111 11.34 -0.20 -29.56
C VAL C 111 11.51 -1.36 -30.56
N TYR C 112 10.74 -2.43 -30.34
CA TYR C 112 10.64 -3.50 -31.31
C TYR C 112 10.53 -2.93 -32.72
N ASP C 113 9.55 -2.06 -32.94
CA ASP C 113 9.37 -1.47 -34.28
C ASP C 113 10.63 -0.79 -34.81
N LEU C 114 11.22 0.11 -34.02
CA LEU C 114 12.43 0.82 -34.42
C LEU C 114 13.56 -0.11 -34.80
N VAL C 115 13.89 -1.05 -33.93
CA VAL C 115 14.99 -1.96 -34.17
C VAL C 115 14.79 -2.67 -35.50
N VAL C 116 13.57 -3.14 -35.73
CA VAL C 116 13.24 -3.94 -36.91
C VAL C 116 13.30 -3.10 -38.19
N MET C 117 12.69 -1.92 -38.16
CA MET C 117 12.75 -1.01 -39.30
C MET C 117 14.20 -0.70 -39.65
N HIS C 118 15.02 -0.49 -38.62
CA HIS C 118 16.42 -0.19 -38.84
C HIS C 118 17.14 -1.33 -39.54
N MET C 119 17.07 -2.53 -38.98
CA MET C 119 17.79 -3.67 -39.55
C MET C 119 17.30 -4.03 -40.96
N GLU C 120 16.13 -3.51 -41.32
CA GLU C 120 15.58 -3.69 -42.66
C GLU C 120 16.25 -2.73 -43.65
N SER C 121 16.36 -1.46 -43.26
CA SER C 121 16.98 -0.45 -44.10
C SER C 121 18.42 -0.81 -44.47
N MET C 122 19.00 -1.74 -43.71
CA MET C 122 20.32 -2.26 -44.01
C MET C 122 20.21 -3.37 -45.06
N GLU C 123 20.89 -3.19 -46.18
CA GLU C 123 20.96 -4.26 -47.17
C GLU C 123 21.84 -5.36 -46.57
N SER C 124 21.36 -6.59 -46.62
CA SER C 124 22.04 -7.70 -45.96
C SER C 124 23.13 -8.30 -46.85
N VAL C 125 24.35 -8.40 -46.30
CA VAL C 125 25.50 -8.87 -47.06
C VAL C 125 25.84 -10.34 -46.82
N ASP C 126 25.90 -10.77 -45.55
CA ASP C 126 26.29 -12.14 -45.24
C ASP C 126 25.08 -13.07 -45.22
N ASN C 127 23.91 -12.49 -44.98
CA ASN C 127 22.72 -13.26 -44.64
C ASN C 127 22.87 -14.08 -43.37
N ARG C 128 23.51 -13.47 -42.37
CA ARG C 128 23.55 -14.05 -41.03
C ARG C 128 22.18 -13.80 -40.41
N PRO C 129 21.50 -14.88 -39.99
CA PRO C 129 20.14 -14.72 -39.46
C PRO C 129 20.18 -14.24 -38.01
N VAL C 130 19.40 -13.21 -37.69
CA VAL C 130 19.30 -12.71 -36.33
C VAL C 130 17.85 -12.55 -35.94
N HIS C 131 17.47 -13.11 -34.80
CA HIS C 131 16.09 -13.04 -34.35
C HIS C 131 15.86 -11.86 -33.42
N VAL C 132 14.75 -11.17 -33.63
CA VAL C 132 14.43 -10.03 -32.81
C VAL C 132 13.17 -10.31 -31.99
N LEU C 133 13.32 -10.44 -30.68
CA LEU C 133 12.20 -10.80 -29.81
C LEU C 133 11.74 -9.63 -28.93
N ASN C 134 10.43 -9.44 -28.83
CA ASN C 134 9.91 -8.46 -27.89
C ASN C 134 9.32 -9.12 -26.65
N VAL C 135 9.88 -8.77 -25.50
CA VAL C 135 9.36 -9.20 -24.21
C VAL C 135 9.00 -7.96 -23.41
N ASP C 136 7.70 -7.69 -23.28
CA ASP C 136 7.27 -6.47 -22.60
C ASP C 136 7.81 -6.35 -21.18
N VAL C 137 8.19 -5.13 -20.82
CA VAL C 137 8.52 -4.83 -19.43
C VAL C 137 8.24 -3.36 -19.17
N VAL C 138 7.56 -3.09 -18.05
CA VAL C 138 7.20 -1.73 -17.69
C VAL C 138 8.44 -0.97 -17.29
N ASP C 139 8.43 0.35 -17.49
CA ASP C 139 9.62 1.16 -17.23
C ASP C 139 9.66 1.76 -15.81
N ASN C 140 9.75 0.90 -14.82
CA ASN C 140 10.15 1.31 -13.47
C ASN C 140 11.14 0.33 -12.87
N ALA C 141 11.87 0.78 -11.86
CA ALA C 141 12.97 0.00 -11.28
C ALA C 141 12.55 -1.40 -10.91
N GLU C 142 11.30 -1.54 -10.47
CA GLU C 142 10.77 -2.78 -9.96
C GLU C 142 10.50 -3.80 -11.07
N ASP C 143 9.76 -3.40 -12.09
CA ASP C 143 9.48 -4.31 -13.19
C ASP C 143 10.69 -4.50 -14.10
N ALA C 144 11.54 -3.49 -14.19
CA ALA C 144 12.76 -3.64 -14.98
C ALA C 144 13.47 -4.88 -14.49
N LEU C 145 13.44 -5.06 -13.17
CA LEU C 145 14.07 -6.19 -12.50
C LEU C 145 13.40 -7.48 -12.90
N MET C 146 12.11 -7.56 -12.60
CA MET C 146 11.35 -8.76 -12.92
C MET C 146 11.50 -9.08 -14.41
N GLY C 147 11.56 -8.05 -15.22
CA GLY C 147 11.75 -8.23 -16.66
C GLY C 147 13.09 -8.87 -16.96
N ALA C 148 14.07 -8.58 -16.14
CA ALA C 148 15.39 -9.15 -16.35
C ALA C 148 15.36 -10.65 -16.12
N PHE C 149 14.59 -11.09 -15.14
CA PHE C 149 14.40 -12.52 -14.88
C PHE C 149 13.82 -13.24 -16.07
N VAL C 150 12.71 -12.73 -16.57
CA VAL C 150 12.02 -13.31 -17.71
C VAL C 150 12.98 -13.43 -18.88
N ILE C 151 13.43 -12.29 -19.39
CA ILE C 151 14.41 -12.25 -20.46
C ILE C 151 15.57 -13.23 -20.23
N THR C 152 16.25 -13.12 -19.09
CA THR C 152 17.31 -14.08 -18.81
C THR C 152 16.81 -15.51 -18.93
N ASP C 153 15.70 -15.80 -18.26
CA ASP C 153 15.09 -17.11 -18.28
C ASP C 153 14.91 -17.61 -19.71
N MET C 154 14.35 -16.73 -20.56
CA MET C 154 14.06 -17.05 -21.96
C MET C 154 15.32 -17.39 -22.75
N ILE C 155 16.35 -16.57 -22.57
CA ILE C 155 17.62 -16.75 -23.26
C ILE C 155 18.37 -17.99 -22.77
N ASN C 156 18.50 -18.12 -21.46
CA ASN C 156 19.09 -19.32 -20.89
C ASN C 156 18.46 -20.57 -21.48
N MET C 157 17.22 -20.45 -21.93
CA MET C 157 16.51 -21.55 -22.55
C MET C 157 16.95 -21.68 -23.99
N MET C 158 17.21 -20.55 -24.63
CA MET C 158 17.54 -20.54 -26.06
C MET C 158 19.01 -20.84 -26.36
N ALA C 159 19.84 -20.77 -25.32
CA ALA C 159 21.25 -21.14 -25.45
C ALA C 159 21.41 -22.65 -25.55
N LYS C 160 20.46 -23.39 -24.99
CA LYS C 160 20.52 -24.85 -25.00
C LYS C 160 20.38 -25.45 -26.40
N SER C 161 19.98 -24.63 -27.36
CA SER C 161 19.78 -25.14 -28.73
C SER C 161 21.05 -25.07 -29.59
N THR C 162 21.28 -26.13 -30.35
CA THR C 162 22.42 -26.17 -31.27
C THR C 162 21.95 -26.13 -32.72
N ASP C 163 20.75 -25.59 -32.94
CA ASP C 163 20.22 -25.30 -34.25
C ASP C 163 19.12 -24.25 -34.12
N LEU C 164 19.51 -23.11 -33.54
CA LEU C 164 18.56 -22.08 -33.13
C LEU C 164 17.50 -21.78 -34.18
N ASP C 165 17.93 -21.38 -35.37
CA ASP C 165 17.00 -20.95 -36.41
C ASP C 165 15.87 -21.96 -36.57
N ASN C 166 16.25 -23.23 -36.60
CA ASN C 166 15.31 -24.31 -36.91
C ASN C 166 14.29 -24.62 -35.82
N ASP C 167 14.67 -24.38 -34.57
CA ASP C 167 13.78 -24.73 -33.48
C ASP C 167 13.48 -23.57 -32.53
N ILE C 168 13.75 -22.35 -32.97
CA ILE C 168 13.48 -21.19 -32.12
C ILE C 168 11.98 -20.95 -32.01
N ASP C 169 11.26 -21.12 -33.11
CA ASP C 169 9.83 -20.87 -33.13
C ASP C 169 9.12 -21.68 -32.06
N GLU C 170 9.50 -22.95 -31.97
CA GLU C 170 8.89 -23.86 -31.03
C GLU C 170 9.23 -23.45 -29.61
N LEU C 171 10.44 -22.96 -29.42
CA LEU C 171 10.89 -22.55 -28.09
C LEU C 171 10.10 -21.35 -27.61
N ILE C 172 9.73 -20.47 -28.54
CA ILE C 172 8.96 -19.29 -28.21
C ILE C 172 7.57 -19.68 -27.76
N GLN C 173 7.02 -20.72 -28.37
CA GLN C 173 5.71 -21.22 -27.96
C GLN C 173 5.77 -21.86 -26.58
N GLU C 174 6.69 -22.80 -26.38
CA GLU C 174 6.79 -23.44 -25.07
C GLU C 174 6.98 -22.39 -23.98
N PHE C 175 7.72 -21.34 -24.30
CA PHE C 175 8.04 -20.31 -23.31
C PHE C 175 6.86 -19.39 -22.99
N GLU C 176 6.12 -18.99 -24.02
CA GLU C 176 4.94 -18.16 -23.83
C GLU C 176 3.91 -18.86 -22.95
N GLU C 177 3.85 -20.17 -23.03
CA GLU C 177 2.85 -20.93 -22.30
C GLU C 177 3.26 -21.24 -20.86
N ARG C 178 4.56 -21.41 -20.63
CA ARG C 178 5.06 -21.67 -19.29
C ARG C 178 5.12 -20.38 -18.48
N ARG C 179 5.22 -19.26 -19.18
CA ARG C 179 5.38 -17.97 -18.53
C ARG C 179 4.21 -17.03 -18.84
N LYS C 180 3.27 -17.50 -19.64
CA LYS C 180 2.07 -16.73 -19.99
C LYS C 180 2.37 -15.30 -20.41
N ARG C 181 3.04 -15.19 -21.55
CA ARG C 181 3.37 -13.90 -22.16
C ARG C 181 3.24 -13.98 -23.69
N VAL C 182 3.58 -12.88 -24.35
CA VAL C 182 3.56 -12.81 -25.81
C VAL C 182 4.91 -12.29 -26.30
N ILE C 183 5.64 -13.16 -27.00
CA ILE C 183 6.96 -12.82 -27.51
C ILE C 183 6.88 -12.54 -28.99
N LEU C 184 6.77 -11.27 -29.38
CA LEU C 184 6.81 -10.92 -30.80
C LEU C 184 8.13 -11.40 -31.39
N HIS C 185 8.13 -11.73 -32.69
CA HIS C 185 9.32 -12.31 -33.31
C HIS C 185 9.47 -11.97 -34.79
N SER C 186 10.71 -11.63 -35.16
CA SER C 186 11.07 -11.32 -36.53
C SER C 186 12.40 -11.96 -36.84
N VAL C 187 12.64 -12.24 -38.11
CA VAL C 187 13.96 -12.70 -38.55
C VAL C 187 14.50 -11.73 -39.59
N LEU C 188 15.51 -10.96 -39.20
CA LEU C 188 16.16 -10.05 -40.14
C LEU C 188 17.50 -10.65 -40.51
N PHE C 189 18.21 -9.99 -41.42
CA PHE C 189 19.47 -10.54 -41.89
C PHE C 189 20.64 -9.56 -41.83
N TYR C 190 21.81 -10.10 -41.53
CA TYR C 190 23.03 -9.33 -41.42
C TYR C 190 23.81 -9.30 -42.73
N LYS D 1 -24.78 15.22 17.69
CA LYS D 1 -24.63 13.78 17.47
C LYS D 1 -24.59 12.98 18.78
N LEU D 2 -25.19 11.80 18.74
CA LEU D 2 -25.38 10.94 19.91
C LEU D 2 -24.63 9.62 19.74
N ALA D 3 -24.78 8.74 20.73
CA ALA D 3 -24.07 7.46 20.74
C ALA D 3 -25.04 6.28 20.65
N VAL D 4 -24.76 5.37 19.72
CA VAL D 4 -25.65 4.24 19.44
C VAL D 4 -24.94 2.91 19.55
N ALA D 5 -25.71 1.82 19.61
CA ALA D 5 -25.15 0.47 19.63
C ALA D 5 -26.11 -0.53 19.02
N VAL D 6 -25.61 -1.36 18.10
CA VAL D 6 -26.41 -2.43 17.51
C VAL D 6 -25.93 -3.78 18.05
N VAL D 7 -26.86 -4.71 18.27
CA VAL D 7 -26.53 -5.97 18.92
C VAL D 7 -27.30 -7.16 18.35
N CYS D 8 -26.57 -8.22 17.98
CA CYS D 8 -27.18 -9.49 17.59
C CYS D 8 -26.53 -10.67 18.32
N SER D 9 -26.59 -11.85 17.72
CA SER D 9 -26.01 -13.04 18.33
C SER D 9 -24.48 -13.03 18.24
N SER D 10 -23.93 -13.78 17.28
CA SER D 10 -22.53 -13.65 16.93
C SER D 10 -22.38 -12.26 16.33
N ASN D 11 -21.22 -11.62 16.46
CA ASN D 11 -21.12 -10.24 16.02
C ASN D 11 -20.87 -10.12 14.50
N MET D 12 -21.38 -11.07 13.75
CA MET D 12 -21.00 -11.24 12.35
C MET D 12 -21.89 -10.55 11.31
N ASN D 13 -23.16 -10.91 11.23
CA ASN D 13 -24.01 -10.43 10.12
C ASN D 13 -24.94 -9.25 10.39
N ARG D 14 -26.02 -9.48 11.11
CA ARG D 14 -27.05 -8.46 11.25
C ARG D 14 -26.52 -7.15 11.83
N SER D 15 -25.66 -7.23 12.84
CA SER D 15 -25.19 -6.04 13.55
C SER D 15 -24.11 -5.24 12.81
N MET D 16 -23.31 -5.94 12.02
CA MET D 16 -22.25 -5.26 11.27
C MET D 16 -22.78 -4.50 10.05
N GLU D 17 -23.74 -5.08 9.34
CA GLU D 17 -24.34 -4.37 8.21
C GLU D 17 -24.89 -3.04 8.70
N ALA D 18 -25.70 -3.11 9.75
CA ALA D 18 -26.28 -1.93 10.38
C ALA D 18 -25.20 -1.00 10.92
N HIS D 19 -24.19 -1.59 11.54
CA HIS D 19 -23.04 -0.86 12.05
C HIS D 19 -22.43 -0.07 10.94
N ASN D 20 -22.14 -0.76 9.84
CA ASN D 20 -21.52 -0.13 8.68
C ASN D 20 -22.33 1.06 8.21
N PHE D 21 -23.65 0.86 8.13
CA PHE D 21 -24.53 1.89 7.61
C PHE D 21 -24.54 3.13 8.50
N LEU D 22 -24.86 2.94 9.77
CA LEU D 22 -24.82 4.01 10.76
C LEU D 22 -23.48 4.72 10.75
N ALA D 23 -22.41 3.95 10.55
CA ALA D 23 -21.08 4.52 10.52
C ALA D 23 -20.93 5.51 9.38
N LYS D 24 -21.46 5.16 8.21
CA LYS D 24 -21.34 6.04 7.05
C LYS D 24 -22.18 7.30 7.19
N LYS D 25 -23.30 7.21 7.91
CA LYS D 25 -24.19 8.35 8.08
C LYS D 25 -23.63 9.37 9.08
N GLY D 26 -22.51 9.02 9.71
CA GLY D 26 -21.80 9.94 10.59
C GLY D 26 -22.03 9.71 12.07
N PHE D 27 -22.77 8.67 12.41
CA PHE D 27 -23.11 8.40 13.80
C PHE D 27 -22.00 7.75 14.61
N ASN D 28 -22.08 7.92 15.93
CA ASN D 28 -21.13 7.34 16.88
C ASN D 28 -21.56 5.93 17.26
N VAL D 29 -21.26 4.98 16.38
CA VAL D 29 -21.83 3.65 16.50
C VAL D 29 -20.81 2.58 16.90
N ARG D 30 -21.29 1.62 17.66
CA ARG D 30 -20.54 0.45 18.07
C ARG D 30 -21.51 -0.71 18.00
N SER D 31 -20.99 -1.93 17.97
CA SER D 31 -21.84 -3.11 17.84
C SER D 31 -21.26 -4.29 18.59
N TYR D 32 -22.14 -5.14 19.10
CA TYR D 32 -21.76 -6.23 20.00
C TYR D 32 -22.62 -7.45 19.75
N GLY D 33 -22.22 -8.59 20.30
CA GLY D 33 -22.99 -9.81 20.19
C GLY D 33 -23.20 -10.39 21.57
N THR D 34 -24.28 -11.14 21.77
CA THR D 34 -24.63 -11.61 23.11
C THR D 34 -24.31 -13.09 23.30
N GLY D 35 -24.15 -13.80 22.18
CA GLY D 35 -23.90 -15.23 22.21
C GLY D 35 -22.73 -15.61 23.11
N GLU D 36 -22.76 -16.84 23.61
CA GLU D 36 -21.67 -17.36 24.41
C GLU D 36 -20.37 -17.17 23.66
N ARG D 37 -20.29 -17.82 22.51
CA ARG D 37 -19.18 -17.64 21.57
C ARG D 37 -19.70 -17.06 20.26
N VAL D 38 -18.88 -17.14 19.21
CA VAL D 38 -19.26 -16.70 17.87
C VAL D 38 -19.41 -17.92 16.98
N LYS D 39 -20.58 -18.12 16.40
CA LYS D 39 -20.78 -19.29 15.53
C LYS D 39 -21.20 -18.94 14.10
N LEU D 40 -20.53 -19.57 13.15
CA LEU D 40 -20.82 -19.37 11.74
C LEU D 40 -21.18 -20.70 11.11
N PRO D 41 -21.89 -20.65 9.99
CA PRO D 41 -22.21 -21.85 9.22
C PRO D 41 -20.95 -22.52 8.71
N GLY D 42 -20.94 -23.84 8.61
CA GLY D 42 -19.79 -24.54 8.08
C GLY D 42 -20.00 -25.99 7.66
N MET D 43 -20.21 -26.21 6.37
CA MET D 43 -20.17 -27.54 5.78
C MET D 43 -21.43 -28.37 6.01
N ALA D 44 -21.97 -28.29 7.22
CA ALA D 44 -23.21 -28.97 7.56
C ALA D 44 -23.87 -28.30 8.77
N PHE D 45 -25.19 -28.20 8.75
CA PHE D 45 -25.94 -27.64 9.86
C PHE D 45 -25.46 -28.16 11.22
N ASP D 46 -25.13 -29.45 11.26
CA ASP D 46 -24.58 -30.09 12.45
C ASP D 46 -23.40 -29.30 13.02
N LYS D 47 -22.38 -29.10 12.19
CA LYS D 47 -21.13 -28.52 12.67
C LYS D 47 -20.78 -27.14 12.13
N PRO D 48 -21.23 -26.11 12.85
CA PRO D 48 -20.89 -24.72 12.56
C PRO D 48 -19.45 -24.47 12.95
N ASN D 49 -18.91 -23.32 12.57
CA ASN D 49 -17.57 -22.94 12.98
C ASN D 49 -17.63 -21.94 14.14
N VAL D 50 -17.06 -22.32 15.27
CA VAL D 50 -17.17 -21.50 16.47
C VAL D 50 -15.85 -20.83 16.83
N TYR D 51 -15.94 -19.64 17.41
CA TYR D 51 -14.77 -18.85 17.75
C TYR D 51 -15.09 -17.99 18.96
N GLU D 52 -14.08 -17.65 19.76
CA GLU D 52 -14.27 -16.80 20.93
C GLU D 52 -14.31 -15.32 20.57
N PHE D 53 -15.19 -14.57 21.22
CA PHE D 53 -15.20 -13.13 21.02
C PHE D 53 -13.81 -12.58 21.33
N GLY D 54 -13.36 -11.63 20.52
CA GLY D 54 -12.00 -11.12 20.65
C GLY D 54 -11.12 -11.62 19.52
N THR D 55 -11.42 -12.83 19.03
CA THR D 55 -10.77 -13.37 17.84
C THR D 55 -10.85 -12.36 16.69
N LYS D 56 -9.71 -12.10 16.04
CA LYS D 56 -9.73 -11.18 14.91
C LYS D 56 -10.53 -11.71 13.69
N TYR D 57 -11.26 -10.80 13.05
CA TYR D 57 -11.98 -11.12 11.83
C TYR D 57 -11.05 -11.69 10.77
N GLU D 58 -9.82 -11.18 10.74
CA GLU D 58 -8.83 -11.57 9.72
C GLU D 58 -8.26 -12.95 10.01
N ASP D 59 -8.40 -13.39 11.27
CA ASP D 59 -7.91 -14.70 11.67
C ASP D 59 -8.97 -15.73 11.30
N ILE D 60 -10.22 -15.38 11.59
CA ILE D 60 -11.34 -16.20 11.19
C ILE D 60 -11.32 -16.42 9.68
N TYR D 61 -11.09 -15.34 8.93
CA TYR D 61 -10.91 -15.45 7.48
C TYR D 61 -9.84 -16.50 7.12
N ARG D 62 -8.64 -16.36 7.66
CA ARG D 62 -7.54 -17.30 7.39
C ARG D 62 -7.96 -18.72 7.72
N ASP D 63 -8.67 -18.87 8.83
CA ASP D 63 -9.04 -20.20 9.29
C ASP D 63 -9.92 -20.89 8.25
N LEU D 64 -11.01 -20.22 7.89
CA LEU D 64 -11.88 -20.70 6.82
C LEU D 64 -11.11 -20.95 5.52
N GLU D 65 -10.37 -19.94 5.06
CA GLU D 65 -9.69 -20.04 3.78
C GLU D 65 -8.89 -21.33 3.68
N SER D 66 -8.25 -21.72 4.77
CA SER D 66 -7.46 -22.96 4.75
C SER D 66 -8.40 -24.15 4.75
N LYS D 67 -9.47 -24.07 5.54
CA LYS D 67 -10.46 -25.15 5.57
C LYS D 67 -11.04 -25.40 4.18
N ASP D 68 -11.71 -24.42 3.58
CA ASP D 68 -12.36 -24.63 2.30
C ASP D 68 -12.55 -23.36 1.47
N LYS D 69 -11.49 -22.87 0.86
CA LYS D 69 -11.54 -21.59 0.14
C LYS D 69 -12.78 -21.42 -0.74
N GLU D 70 -13.13 -22.46 -1.47
CA GLU D 70 -14.31 -22.41 -2.34
C GLU D 70 -15.61 -22.33 -1.54
N PHE D 71 -15.81 -23.28 -0.65
CA PHE D 71 -17.04 -23.36 0.13
C PHE D 71 -17.41 -22.08 0.86
N TYR D 72 -16.41 -21.38 1.39
CA TYR D 72 -16.69 -20.20 2.24
C TYR D 72 -16.65 -18.92 1.43
N THR D 73 -16.19 -19.01 0.19
CA THR D 73 -16.35 -17.92 -0.75
C THR D 73 -17.79 -17.89 -1.24
N GLN D 74 -18.31 -19.05 -1.61
CA GLN D 74 -19.62 -19.17 -2.25
C GLN D 74 -20.82 -18.98 -1.34
N ASN D 75 -20.68 -19.35 -0.07
CA ASN D 75 -21.75 -19.06 0.87
C ASN D 75 -21.60 -17.66 1.44
N GLY D 76 -20.60 -16.95 0.92
CA GLY D 76 -20.41 -15.53 1.21
C GLY D 76 -19.91 -15.17 2.60
N LEU D 77 -19.10 -16.03 3.21
CA LEU D 77 -18.55 -15.73 4.52
C LEU D 77 -17.22 -15.02 4.41
N LEU D 78 -16.37 -15.49 3.51
CA LEU D 78 -15.11 -14.81 3.33
C LEU D 78 -15.37 -13.37 2.93
N HIS D 79 -16.39 -13.13 2.10
CA HIS D 79 -16.71 -11.75 1.74
C HIS D 79 -17.29 -10.93 2.91
N MET D 80 -18.00 -11.58 3.81
CA MET D 80 -18.58 -10.87 4.93
C MET D 80 -17.50 -10.53 5.95
N LEU D 81 -16.54 -11.44 6.09
CA LEU D 81 -15.43 -11.26 7.01
C LEU D 81 -14.56 -10.12 6.52
N ASP D 82 -14.36 -10.07 5.23
CA ASP D 82 -13.60 -8.99 4.63
C ASP D 82 -14.27 -7.67 4.94
N ARG D 83 -15.60 -7.65 4.83
CA ARG D 83 -16.41 -6.46 5.09
C ARG D 83 -16.31 -6.02 6.54
N ASN D 84 -16.47 -6.95 7.47
CA ASN D 84 -16.31 -6.69 8.89
C ASN D 84 -14.96 -6.07 9.21
N ARG D 85 -13.91 -6.72 8.73
CA ARG D 85 -12.54 -6.31 8.99
C ARG D 85 -12.29 -4.83 8.73
N ARG D 86 -12.91 -4.27 7.69
CA ARG D 86 -12.77 -2.85 7.38
C ARG D 86 -13.28 -1.96 8.49
N ILE D 87 -14.30 -2.42 9.18
CA ILE D 87 -14.97 -1.64 10.22
C ILE D 87 -14.27 -1.74 11.58
N LYS D 88 -13.85 -2.95 11.91
CA LYS D 88 -13.52 -3.29 13.29
C LYS D 88 -12.46 -4.35 13.22
N LYS D 89 -11.75 -4.58 14.33
CA LYS D 89 -10.73 -5.62 14.34
C LYS D 89 -11.29 -6.96 14.77
N CYS D 90 -12.22 -6.94 15.73
CA CYS D 90 -12.78 -8.19 16.22
C CYS D 90 -14.21 -8.04 16.72
N PRO D 91 -14.94 -9.16 16.73
CA PRO D 91 -16.27 -9.29 17.34
C PRO D 91 -16.19 -9.12 18.84
N GLU D 92 -17.09 -8.33 19.41
CA GLU D 92 -17.08 -8.05 20.84
C GLU D 92 -18.33 -8.61 21.53
N ARG D 93 -18.18 -8.99 22.80
CA ARG D 93 -19.31 -9.51 23.57
C ARG D 93 -19.93 -8.43 24.45
N PHE D 94 -21.20 -8.14 24.20
CA PHE D 94 -21.92 -7.09 24.91
C PHE D 94 -21.68 -7.08 26.42
N GLN D 95 -22.03 -8.18 27.08
CA GLN D 95 -21.82 -8.31 28.52
C GLN D 95 -20.49 -7.70 28.95
N ASP D 96 -19.43 -8.17 28.32
CA ASP D 96 -18.07 -7.82 28.75
C ASP D 96 -17.67 -6.37 28.43
N THR D 97 -18.55 -5.63 27.76
CA THR D 97 -18.24 -4.24 27.45
C THR D 97 -18.53 -3.36 28.65
N LYS D 98 -17.67 -2.36 28.86
CA LYS D 98 -17.89 -1.36 29.88
C LYS D 98 -18.18 -0.03 29.19
N GLU D 99 -18.85 -0.11 28.05
CA GLU D 99 -19.21 1.08 27.30
C GLU D 99 -20.67 1.47 27.54
N GLN D 100 -20.98 2.74 27.30
CA GLN D 100 -22.34 3.24 27.48
C GLN D 100 -22.82 4.00 26.26
N PHE D 101 -24.10 3.88 25.95
CA PHE D 101 -24.69 4.58 24.82
C PHE D 101 -26.07 5.12 25.19
N ASP D 102 -26.66 5.88 24.29
CA ASP D 102 -27.99 6.46 24.51
C ASP D 102 -29.06 5.45 24.12
N ILE D 103 -29.01 4.97 22.88
CA ILE D 103 -29.90 3.93 22.40
C ILE D 103 -29.11 2.67 22.10
N ILE D 104 -29.70 1.51 22.41
CA ILE D 104 -29.05 0.24 22.17
C ILE D 104 -29.96 -0.71 21.40
N VAL D 105 -29.88 -0.62 20.08
CA VAL D 105 -30.74 -1.37 19.19
C VAL D 105 -30.39 -2.85 19.20
N THR D 106 -31.41 -3.71 19.24
CA THR D 106 -31.20 -5.14 19.10
C THR D 106 -31.98 -5.58 17.86
N VAL D 107 -31.90 -6.85 17.48
CA VAL D 107 -32.50 -7.24 16.21
C VAL D 107 -33.31 -8.51 16.29
N GLU D 108 -33.41 -9.09 17.49
CA GLU D 108 -34.06 -10.37 17.66
C GLU D 108 -34.66 -10.41 19.05
N GLU D 109 -35.73 -11.17 19.23
CA GLU D 109 -36.43 -11.22 20.51
C GLU D 109 -35.50 -11.72 21.62
N ARG D 110 -34.95 -12.92 21.42
CA ARG D 110 -34.07 -13.54 22.40
C ARG D 110 -32.97 -12.57 22.84
N VAL D 111 -32.36 -11.91 21.86
CA VAL D 111 -31.28 -10.96 22.11
C VAL D 111 -31.77 -9.79 22.94
N TYR D 112 -32.97 -9.34 22.64
CA TYR D 112 -33.58 -8.23 23.36
C TYR D 112 -33.67 -8.50 24.86
N ASP D 113 -34.18 -9.66 25.22
CA ASP D 113 -34.28 -10.04 26.63
C ASP D 113 -32.89 -10.15 27.26
N LEU D 114 -32.00 -10.90 26.60
CA LEU D 114 -30.64 -11.08 27.09
C LEU D 114 -29.91 -9.76 27.33
N VAL D 115 -29.98 -8.87 26.34
CA VAL D 115 -29.42 -7.54 26.50
C VAL D 115 -29.93 -6.92 27.80
N VAL D 116 -31.25 -6.92 27.97
CA VAL D 116 -31.85 -6.36 29.17
C VAL D 116 -31.43 -7.16 30.40
N MET D 117 -31.46 -8.49 30.27
CA MET D 117 -31.03 -9.39 31.34
C MET D 117 -29.75 -8.91 31.98
N HIS D 118 -28.66 -8.93 31.22
CA HIS D 118 -27.37 -8.50 31.72
C HIS D 118 -27.39 -7.11 32.36
N MET D 119 -28.29 -6.25 31.87
CA MET D 119 -28.36 -4.86 32.35
C MET D 119 -29.04 -4.74 33.71
N GLU D 120 -29.95 -5.65 34.00
CA GLU D 120 -30.56 -5.71 35.31
C GLU D 120 -29.58 -6.34 36.29
N SER D 121 -29.06 -7.51 35.91
CA SER D 121 -28.08 -8.22 36.72
C SER D 121 -26.87 -7.35 37.01
N MET D 122 -26.88 -6.15 36.43
CA MET D 122 -25.93 -5.11 36.78
C MET D 122 -26.70 -3.94 37.36
N GLU D 123 -26.83 -3.91 38.67
CA GLU D 123 -27.49 -2.80 39.34
C GLU D 123 -26.47 -1.69 39.51
N SER D 124 -26.87 -0.45 39.25
CA SER D 124 -25.93 0.67 39.29
C SER D 124 -26.56 1.96 39.77
N VAL D 125 -25.74 2.82 40.36
CA VAL D 125 -26.16 4.16 40.77
C VAL D 125 -25.51 5.23 39.90
N ASP D 126 -26.36 6.10 39.36
CA ASP D 126 -25.96 7.18 38.47
C ASP D 126 -27.25 7.67 37.84
N ASN D 127 -28.23 6.77 37.81
CA ASN D 127 -29.55 7.02 37.28
C ASN D 127 -29.56 7.98 36.09
N ARG D 128 -28.96 7.52 34.99
CA ARG D 128 -29.11 8.20 33.71
C ARG D 128 -29.66 7.20 32.68
N PRO D 129 -30.60 7.67 31.85
CA PRO D 129 -31.41 6.80 30.99
C PRO D 129 -30.62 6.09 29.90
N VAL D 130 -31.23 5.08 29.29
CA VAL D 130 -30.67 4.36 28.15
C VAL D 130 -31.74 3.41 27.58
N HIS D 131 -32.30 3.76 26.43
CA HIS D 131 -33.44 3.04 25.88
C HIS D 131 -33.03 1.84 25.02
N VAL D 132 -33.57 0.67 25.38
CA VAL D 132 -33.25 -0.58 24.67
C VAL D 132 -34.36 -0.97 23.71
N LEU D 133 -34.09 -0.83 22.41
CA LEU D 133 -35.07 -1.13 21.38
C LEU D 133 -34.78 -2.48 20.70
N ASN D 134 -35.80 -3.06 20.10
CA ASN D 134 -35.64 -4.28 19.32
C ASN D 134 -36.35 -4.11 17.99
N VAL D 135 -35.69 -4.50 16.92
CA VAL D 135 -36.28 -4.43 15.58
C VAL D 135 -36.10 -5.77 14.90
N ASP D 136 -37.15 -6.57 14.82
CA ASP D 136 -37.02 -7.93 14.31
C ASP D 136 -36.55 -8.02 12.86
N VAL D 137 -35.24 -8.24 12.71
CA VAL D 137 -34.64 -8.52 11.40
C VAL D 137 -34.18 -9.98 11.30
N VAL D 138 -34.60 -10.65 10.22
CA VAL D 138 -34.25 -12.04 9.96
C VAL D 138 -32.76 -12.14 9.68
N ASP D 139 -32.20 -13.33 9.87
CA ASP D 139 -30.76 -13.52 9.73
C ASP D 139 -30.36 -14.02 8.34
N ASN D 140 -30.29 -13.11 7.39
CA ASN D 140 -29.63 -13.41 6.12
C ASN D 140 -29.00 -12.15 5.52
N ALA D 141 -28.18 -12.34 4.49
CA ALA D 141 -27.51 -11.22 3.83
C ALA D 141 -28.50 -10.16 3.37
N GLU D 142 -29.65 -10.62 2.87
CA GLU D 142 -30.64 -9.76 2.26
C GLU D 142 -31.46 -8.99 3.30
N ASP D 143 -31.89 -9.71 4.33
CA ASP D 143 -32.73 -9.15 5.39
C ASP D 143 -31.90 -8.21 6.24
N ALA D 144 -30.64 -8.57 6.45
CA ALA D 144 -29.72 -7.75 7.23
C ALA D 144 -29.43 -6.44 6.52
N LEU D 145 -29.56 -6.43 5.20
CA LEU D 145 -29.45 -5.18 4.47
C LEU D 145 -30.67 -4.28 4.73
N MET D 146 -31.86 -4.88 4.78
CA MET D 146 -33.06 -4.15 5.15
C MET D 146 -32.96 -3.65 6.58
N GLY D 147 -32.54 -4.55 7.48
CA GLY D 147 -32.25 -4.19 8.84
C GLY D 147 -31.47 -2.89 8.92
N ALA D 148 -30.30 -2.84 8.30
CA ALA D 148 -29.47 -1.64 8.35
C ALA D 148 -30.22 -0.41 7.84
N PHE D 149 -31.16 -0.63 6.91
CA PHE D 149 -31.97 0.47 6.41
C PHE D 149 -32.98 0.95 7.45
N VAL D 150 -33.69 0.00 8.06
CA VAL D 150 -34.70 0.33 9.06
C VAL D 150 -34.09 1.07 10.23
N ILE D 151 -32.99 0.54 10.75
CA ILE D 151 -32.37 1.05 11.96
C ILE D 151 -31.65 2.37 11.74
N THR D 152 -31.28 2.67 10.50
CA THR D 152 -30.66 3.96 10.22
C THR D 152 -31.76 5.01 10.08
N ASP D 153 -32.89 4.59 9.52
CA ASP D 153 -34.04 5.48 9.39
C ASP D 153 -34.45 5.93 10.78
N MET D 154 -34.73 4.95 11.63
CA MET D 154 -35.13 5.20 13.01
C MET D 154 -34.13 6.05 13.79
N ILE D 155 -32.86 5.67 13.75
CA ILE D 155 -31.85 6.40 14.52
C ILE D 155 -31.64 7.83 14.01
N ASN D 156 -31.82 8.05 12.71
CA ASN D 156 -31.74 9.41 12.20
C ASN D 156 -33.02 10.17 12.52
N MET D 157 -34.09 9.40 12.73
CA MET D 157 -35.38 9.93 13.17
C MET D 157 -35.29 10.50 14.57
N MET D 158 -34.70 9.73 15.48
CA MET D 158 -34.58 10.13 16.88
C MET D 158 -33.42 11.09 17.12
N ALA D 159 -32.79 11.55 16.04
CA ALA D 159 -31.68 12.50 16.18
C ALA D 159 -32.17 13.93 16.13
N LYS D 160 -33.07 14.23 15.19
CA LYS D 160 -33.58 15.58 15.01
C LYS D 160 -34.55 16.02 16.12
N SER D 161 -34.55 15.27 17.21
CA SER D 161 -35.37 15.59 18.39
C SER D 161 -34.45 16.21 19.44
N THR D 162 -35.03 16.64 20.56
CA THR D 162 -34.24 17.27 21.63
C THR D 162 -34.62 16.77 23.03
N ASP D 163 -35.88 16.41 23.20
CA ASP D 163 -36.37 15.84 24.46
C ASP D 163 -36.55 14.35 24.27
N LEU D 164 -35.48 13.69 23.83
CA LEU D 164 -35.53 12.27 23.47
C LEU D 164 -36.17 11.42 24.56
N ASP D 165 -36.13 11.89 25.80
CA ASP D 165 -36.54 11.09 26.95
C ASP D 165 -38.05 10.84 27.06
N ASN D 166 -38.86 11.81 26.64
CA ASN D 166 -40.33 11.69 26.76
C ASN D 166 -41.05 11.29 25.48
N ASP D 167 -40.75 12.01 24.40
CA ASP D 167 -41.32 11.70 23.09
C ASP D 167 -40.85 10.33 22.56
N ILE D 168 -39.82 9.78 23.20
CA ILE D 168 -39.30 8.47 22.84
C ILE D 168 -40.43 7.48 22.55
N ASP D 169 -41.41 7.39 23.45
CA ASP D 169 -42.51 6.45 23.31
C ASP D 169 -43.53 6.92 22.27
N GLU D 170 -43.44 8.21 21.93
CA GLU D 170 -44.26 8.78 20.86
C GLU D 170 -43.69 8.38 19.49
N LEU D 171 -42.42 8.69 19.27
CA LEU D 171 -41.72 8.38 18.03
C LEU D 171 -41.81 6.89 17.68
N ILE D 172 -41.66 6.05 18.69
CA ILE D 172 -41.78 4.62 18.51
C ILE D 172 -43.18 4.23 18.03
N GLN D 173 -44.19 4.92 18.54
CA GLN D 173 -45.57 4.61 18.15
C GLN D 173 -45.86 5.11 16.73
N GLU D 174 -45.21 6.20 16.33
CA GLU D 174 -45.29 6.69 14.96
C GLU D 174 -44.56 5.74 14.04
N PHE D 175 -43.42 5.26 14.53
CA PHE D 175 -42.56 4.38 13.76
C PHE D 175 -43.23 3.04 13.50
N GLU D 176 -43.51 2.28 14.57
CA GLU D 176 -44.17 0.99 14.44
C GLU D 176 -45.28 1.12 13.41
N GLU D 177 -45.97 2.25 13.45
CA GLU D 177 -47.08 2.55 12.56
C GLU D 177 -46.64 2.59 11.10
N ARG D 178 -45.78 3.56 10.79
CA ARG D 178 -45.36 3.83 9.42
C ARG D 178 -44.49 2.73 8.85
N ARG D 179 -44.47 1.56 9.49
CA ARG D 179 -43.55 0.50 9.08
C ARG D 179 -44.11 -0.90 9.26
N LYS D 180 -45.12 -1.04 10.10
CA LYS D 180 -45.64 -2.36 10.42
C LYS D 180 -44.59 -3.17 11.16
N ARG D 181 -44.10 -2.63 12.27
CA ARG D 181 -43.07 -3.32 13.04
C ARG D 181 -43.28 -3.23 14.55
N VAL D 182 -43.16 -4.38 15.21
CA VAL D 182 -43.20 -4.45 16.68
C VAL D 182 -41.86 -4.03 17.26
N ILE D 183 -41.85 -2.93 18.02
CA ILE D 183 -40.61 -2.36 18.54
C ILE D 183 -40.49 -2.53 20.06
N LEU D 184 -40.42 -3.77 20.53
CA LEU D 184 -40.26 -4.04 21.96
C LEU D 184 -39.32 -3.00 22.58
N HIS D 185 -39.86 -2.18 23.46
CA HIS D 185 -39.06 -1.12 24.07
C HIS D 185 -39.09 -1.18 25.60
N SER D 186 -37.91 -1.34 26.19
CA SER D 186 -37.75 -1.32 27.63
C SER D 186 -36.84 -0.17 28.02
N VAL D 187 -36.69 0.07 29.32
CA VAL D 187 -35.84 1.15 29.80
C VAL D 187 -34.98 0.70 30.99
N LEU D 188 -33.67 0.95 30.89
CA LEU D 188 -32.73 0.60 31.94
C LEU D 188 -31.89 1.81 32.32
N PHE D 189 -31.07 1.68 33.36
CA PHE D 189 -30.29 2.81 33.86
C PHE D 189 -28.82 2.51 34.05
N TYR D 190 -27.98 3.52 33.79
CA TYR D 190 -26.54 3.39 34.00
C TYR D 190 -26.13 4.04 35.32
#